data_3GDT
#
_entry.id   3GDT
#
_cell.length_a   84.351
_cell.length_b   99.140
_cell.length_c   126.307
_cell.angle_alpha   90.00
_cell.angle_beta   90.00
_cell.angle_gamma   90.00
#
_symmetry.space_group_name_H-M   'P 21 21 21'
#
loop_
_entity.id
_entity.type
_entity.pdbx_description
1 polymer "Orotidine 5'-phosphate decarboxylase"
2 non-polymer "6-AZA URIDINE 5'-MONOPHOSPHATE"
3 water water
#
_entity_poly.entity_id   1
_entity_poly.type   'polypeptide(L)'
_entity_poly.pdbx_seq_one_letter_code
;MSKATYKERAATHPSPVAAKLFNIMHEKQTNLCASLDVRTTKELLELVEALGPKICLLKTHVDILTDFSMEGTVKPLKAL
SAKYNFLLFENRKFADIGNTVKLQYSAGVYRIAEWADITNAHGVVGPGIVSGLKQAAEEVTKEPRGLLMLAELSCKGSLA
TGEYTKGTVDIAKSDKDFVIGFIAQRDMGGRDEGYDWLIMTPGVGLDDKGDALGQQYRTVDDVVSTGSDIIIVGRGLFAK
GRDAKVEGERYRKAGWEAYLRRCGQQN
;
_entity_poly.pdbx_strand_id   A,B,C,D
#
loop_
_chem_comp.id
_chem_comp.type
_chem_comp.name
_chem_comp.formula
UP6 non-polymer '6-AZA URIDINE 5'-MONOPHOSPHATE' 'C8 H12 N3 O9 P'
#
# COMPACT_ATOMS: atom_id res chain seq x y z
N LYS A 3 32.42 -33.63 14.45
CA LYS A 3 33.09 -32.49 13.77
C LYS A 3 34.15 -31.89 14.68
N ALA A 4 35.10 -31.18 14.07
CA ALA A 4 36.15 -30.51 14.82
C ALA A 4 35.48 -29.34 15.56
N THR A 5 36.24 -28.65 16.40
CA THR A 5 35.69 -27.51 17.13
C THR A 5 35.53 -26.31 16.20
N TYR A 6 34.73 -25.34 16.60
CA TYR A 6 34.54 -24.16 15.76
C TYR A 6 35.89 -23.47 15.53
N LYS A 7 36.71 -23.38 16.57
CA LYS A 7 38.04 -22.77 16.46
C LYS A 7 38.89 -23.46 15.39
N GLU A 8 38.91 -24.79 15.43
CA GLU A 8 39.68 -25.57 14.48
C GLU A 8 39.15 -25.38 13.05
N ARG A 9 37.84 -25.38 12.90
CA ARG A 9 37.23 -25.22 11.59
C ARG A 9 37.54 -23.86 10.97
N ALA A 10 37.64 -22.83 11.81
CA ALA A 10 37.93 -21.49 11.33
C ALA A 10 39.35 -21.39 10.76
N ALA A 11 40.25 -22.14 11.37
CA ALA A 11 41.65 -22.14 10.95
C ALA A 11 41.94 -22.79 9.61
N THR A 12 41.07 -23.69 9.17
CA THR A 12 41.29 -24.38 7.90
C THR A 12 40.23 -24.14 6.84
N HIS A 13 39.25 -23.29 7.13
CA HIS A 13 38.19 -23.06 6.15
C HIS A 13 38.61 -22.16 4.99
N PRO A 14 38.28 -22.58 3.76
CA PRO A 14 38.59 -21.84 2.54
C PRO A 14 37.83 -20.52 2.37
N SER A 15 36.69 -20.40 3.05
CA SER A 15 35.89 -19.17 2.96
C SER A 15 36.21 -18.17 4.06
N PRO A 16 36.60 -16.95 3.67
CA PRO A 16 36.93 -15.92 4.66
C PRO A 16 35.73 -15.58 5.55
N VAL A 17 34.52 -15.68 4.97
CA VAL A 17 33.32 -15.38 5.74
C VAL A 17 33.05 -16.47 6.77
N ALA A 18 33.19 -17.73 6.36
CA ALA A 18 32.97 -18.84 7.27
C ALA A 18 34.03 -18.83 8.36
N ALA A 19 35.27 -18.51 7.99
CA ALA A 19 36.35 -18.47 8.97
C ALA A 19 36.05 -17.39 10.00
N LYS A 20 35.58 -16.24 9.50
CA LYS A 20 35.25 -15.13 10.37
C LYS A 20 34.12 -15.52 11.33
N LEU A 21 33.10 -16.20 10.79
CA LEU A 21 31.97 -16.63 11.61
C LEU A 21 32.38 -17.65 12.68
N PHE A 22 33.15 -18.67 12.29
CA PHE A 22 33.60 -19.68 13.25
C PHE A 22 34.42 -19.06 14.37
N ASN A 23 35.24 -18.07 14.04
CA ASN A 23 36.05 -17.40 15.04
C ASN A 23 35.17 -16.59 15.99
N ILE A 24 34.13 -15.96 15.46
CA ILE A 24 33.20 -15.20 16.28
C ILE A 24 32.53 -16.13 17.28
N MET A 25 32.12 -17.30 16.79
CA MET A 25 31.46 -18.31 17.61
C MET A 25 32.34 -18.74 18.77
N HIS A 26 33.61 -19.02 18.46
CA HIS A 26 34.55 -19.44 19.49
C HIS A 26 34.83 -18.34 20.51
N GLU A 27 35.14 -17.15 20.00
CA GLU A 27 35.47 -16.02 20.85
C GLU A 27 34.35 -15.52 21.75
N LYS A 28 33.12 -15.59 21.28
CA LYS A 28 31.97 -15.14 22.06
C LYS A 28 31.23 -16.31 22.72
N GLN A 29 31.71 -17.53 22.47
CA GLN A 29 31.09 -18.73 23.02
C GLN A 29 29.60 -18.77 22.68
N THR A 30 29.31 -18.63 21.40
CA THR A 30 27.92 -18.64 20.96
C THR A 30 27.75 -19.26 19.58
N ASN A 31 26.65 -20.00 19.41
CA ASN A 31 26.32 -20.56 18.11
C ASN A 31 24.88 -20.16 17.82
N LEU A 32 24.47 -19.06 18.45
CA LEU A 32 23.11 -18.54 18.30
C LEU A 32 22.94 -17.48 17.22
N CYS A 33 21.91 -17.66 16.40
CA CYS A 33 21.57 -16.69 15.36
C CYS A 33 20.18 -16.22 15.71
N ALA A 34 19.99 -14.91 15.79
CA ALA A 34 18.67 -14.37 16.09
C ALA A 34 18.01 -14.04 14.77
N SER A 35 16.82 -14.59 14.57
CA SER A 35 16.03 -14.35 13.36
C SER A 35 14.90 -13.39 13.72
N LEU A 36 15.05 -12.13 13.34
CA LEU A 36 14.08 -11.11 13.67
C LEU A 36 13.20 -10.69 12.51
N ASP A 37 11.89 -10.78 12.71
CA ASP A 37 10.93 -10.42 11.68
C ASP A 37 9.96 -9.36 12.18
N VAL A 38 10.49 -8.20 12.56
CA VAL A 38 9.65 -7.12 13.05
C VAL A 38 9.28 -6.15 11.93
N ARG A 39 8.25 -5.35 12.16
CA ARG A 39 7.79 -4.42 11.13
C ARG A 39 8.49 -3.08 11.06
N THR A 40 9.12 -2.66 12.15
CA THR A 40 9.80 -1.36 12.15
C THR A 40 11.28 -1.40 12.46
N THR A 41 12.02 -0.47 11.85
CA THR A 41 13.45 -0.37 12.06
C THR A 41 13.75 -0.07 13.53
N LYS A 42 12.90 0.74 14.17
CA LYS A 42 13.11 1.08 15.57
C LYS A 42 13.13 -0.17 16.44
N GLU A 43 12.14 -1.04 16.28
CA GLU A 43 12.10 -2.25 17.08
C GLU A 43 13.28 -3.15 16.73
N LEU A 44 13.61 -3.25 15.45
CA LEU A 44 14.73 -4.07 15.01
C LEU A 44 16.02 -3.65 15.71
N LEU A 45 16.34 -2.36 15.63
CA LEU A 45 17.56 -1.86 16.23
C LEU A 45 17.60 -2.07 17.74
N GLU A 46 16.46 -1.96 18.40
CA GLU A 46 16.41 -2.18 19.84
C GLU A 46 16.77 -3.63 20.15
N LEU A 47 16.11 -4.55 19.45
CA LEU A 47 16.35 -5.98 19.65
C LEU A 47 17.79 -6.37 19.34
N VAL A 48 18.34 -5.85 18.26
CA VAL A 48 19.72 -6.18 17.89
C VAL A 48 20.70 -5.71 18.95
N GLU A 49 20.45 -4.53 19.52
CA GLU A 49 21.33 -3.99 20.55
C GLU A 49 21.32 -4.93 21.74
N ALA A 50 20.11 -5.36 22.13
CA ALA A 50 19.96 -6.26 23.27
C ALA A 50 20.57 -7.64 23.02
N LEU A 51 20.42 -8.15 21.80
CA LEU A 51 20.93 -9.46 21.44
C LEU A 51 22.39 -9.51 20.98
N GLY A 52 22.92 -8.37 20.55
CA GLY A 52 24.28 -8.32 20.05
C GLY A 52 25.37 -9.13 20.74
N PRO A 53 25.52 -8.99 22.06
CA PRO A 53 26.54 -9.72 22.83
C PRO A 53 26.35 -11.24 22.86
N LYS A 54 25.15 -11.71 22.57
CA LYS A 54 24.88 -13.13 22.65
C LYS A 54 24.75 -13.91 21.36
N ILE A 55 24.89 -13.23 20.22
CA ILE A 55 24.75 -13.91 18.93
C ILE A 55 26.00 -13.87 18.06
N CYS A 56 26.06 -14.80 17.10
CA CYS A 56 27.18 -14.85 16.17
C CYS A 56 26.67 -14.37 14.82
N LEU A 57 25.35 -14.35 14.68
CA LEU A 57 24.71 -13.99 13.41
C LEU A 57 23.31 -13.44 13.62
N LEU A 58 22.95 -12.42 12.83
CA LEU A 58 21.62 -11.83 12.89
C LEU A 58 20.96 -12.07 11.55
N LYS A 59 19.77 -12.65 11.57
CA LYS A 59 19.04 -12.88 10.32
C LYS A 59 17.96 -11.82 10.19
N THR A 60 18.13 -10.94 9.21
CA THR A 60 17.19 -9.87 8.97
C THR A 60 16.10 -10.31 8.01
N HIS A 61 15.00 -9.56 7.99
CA HIS A 61 13.88 -9.80 7.08
C HIS A 61 13.47 -8.42 6.59
N VAL A 62 14.29 -7.85 5.70
CA VAL A 62 14.03 -6.51 5.21
C VAL A 62 12.74 -6.32 4.43
N ASP A 63 12.27 -7.35 3.76
CA ASP A 63 11.04 -7.22 2.98
C ASP A 63 9.80 -6.92 3.82
N ILE A 64 9.81 -7.26 5.10
CA ILE A 64 8.64 -6.98 5.93
C ILE A 64 8.72 -5.65 6.68
N LEU A 65 9.88 -5.00 6.62
CA LEU A 65 10.04 -3.70 7.29
C LEU A 65 9.17 -2.67 6.56
N THR A 66 8.49 -1.81 7.32
CA THR A 66 7.65 -0.81 6.73
C THR A 66 8.39 0.50 6.54
N ASP A 67 9.60 0.58 7.08
CA ASP A 67 10.40 1.80 6.98
C ASP A 67 11.89 1.57 6.68
N PHE A 68 12.20 0.61 5.83
CA PHE A 68 13.59 0.34 5.48
C PHE A 68 14.26 1.56 4.83
N SER A 69 15.52 1.77 5.16
CA SER A 69 16.33 2.85 4.60
C SER A 69 17.79 2.47 4.77
N MET A 70 18.62 2.84 3.80
CA MET A 70 20.04 2.54 3.89
C MET A 70 20.63 3.33 5.06
N GLU A 71 20.22 4.60 5.17
CA GLU A 71 20.71 5.47 6.23
C GLU A 71 20.15 5.16 7.61
N GLY A 72 18.85 4.88 7.67
CA GLY A 72 18.22 4.60 8.95
C GLY A 72 18.23 3.16 9.41
N THR A 73 18.32 2.22 8.47
CA THR A 73 18.31 0.80 8.82
C THR A 73 19.67 0.11 8.70
N VAL A 74 20.23 0.11 7.50
CA VAL A 74 21.51 -0.54 7.26
C VAL A 74 22.69 0.08 8.00
N LYS A 75 22.81 1.40 7.94
CA LYS A 75 23.92 2.08 8.61
C LYS A 75 24.03 1.67 10.09
N PRO A 76 22.95 1.82 10.86
CA PRO A 76 22.97 1.47 12.28
C PRO A 76 23.21 -0.03 12.50
N LEU A 77 22.68 -0.83 11.59
CA LEU A 77 22.82 -2.28 11.67
C LEU A 77 24.30 -2.66 11.52
N LYS A 78 24.99 -2.05 10.56
CA LYS A 78 26.40 -2.32 10.35
C LYS A 78 27.20 -1.89 11.58
N ALA A 79 26.79 -0.77 12.18
CA ALA A 79 27.47 -0.25 13.36
C ALA A 79 27.34 -1.24 14.52
N LEU A 80 26.14 -1.79 14.69
CA LEU A 80 25.90 -2.76 15.75
C LEU A 80 26.71 -4.03 15.48
N SER A 81 26.76 -4.41 14.21
CA SER A 81 27.49 -5.60 13.78
C SER A 81 28.97 -5.47 14.16
N ALA A 82 29.54 -4.29 13.94
CA ALA A 82 30.93 -4.04 14.24
C ALA A 82 31.15 -3.91 15.75
N LYS A 83 30.25 -3.21 16.42
CA LYS A 83 30.37 -3.02 17.86
C LYS A 83 30.29 -4.31 18.67
N TYR A 84 29.29 -5.14 18.36
CA TYR A 84 29.08 -6.38 19.08
C TYR A 84 29.71 -7.64 18.47
N ASN A 85 30.27 -7.48 17.29
CA ASN A 85 30.94 -8.57 16.59
C ASN A 85 30.07 -9.75 16.20
N PHE A 86 29.20 -9.53 15.21
CA PHE A 86 28.35 -10.58 14.68
C PHE A 86 28.15 -10.28 13.20
N LEU A 87 27.78 -11.29 12.43
CA LEU A 87 27.58 -11.07 11.00
C LEU A 87 26.11 -10.89 10.65
N LEU A 88 25.86 -10.40 9.43
CA LEU A 88 24.51 -10.16 8.95
C LEU A 88 24.12 -11.16 7.87
N PHE A 89 22.94 -11.74 8.04
CA PHE A 89 22.38 -12.73 7.12
C PHE A 89 20.97 -12.24 6.73
N GLU A 90 20.79 -11.87 5.47
CA GLU A 90 19.47 -11.42 5.04
C GLU A 90 18.63 -12.59 4.56
N ASN A 91 17.36 -12.58 4.94
CA ASN A 91 16.43 -13.64 4.60
C ASN A 91 16.18 -13.94 3.12
N ARG A 92 16.01 -12.89 2.31
CA ARG A 92 15.68 -13.04 0.89
C ARG A 92 16.13 -14.35 0.28
N LYS A 93 15.16 -15.20 -0.03
CA LYS A 93 15.44 -16.52 -0.59
C LYS A 93 15.53 -16.42 -2.10
N PHE A 94 16.72 -16.10 -2.59
CA PHE A 94 16.95 -15.95 -4.02
C PHE A 94 16.56 -17.22 -4.78
N ALA A 95 15.90 -17.04 -5.92
CA ALA A 95 15.45 -18.17 -6.71
C ALA A 95 15.31 -17.89 -8.20
N ASP A 96 16.37 -17.35 -8.79
CA ASP A 96 16.38 -17.06 -10.21
C ASP A 96 17.85 -17.08 -10.61
N ILE A 97 18.13 -16.77 -11.88
CA ILE A 97 19.51 -16.77 -12.34
C ILE A 97 19.81 -15.54 -13.20
N GLY A 98 21.04 -15.49 -13.70
CA GLY A 98 21.45 -14.39 -14.57
C GLY A 98 21.34 -13.01 -13.99
N ASN A 99 21.17 -12.02 -14.87
CA ASN A 99 21.09 -10.63 -14.43
C ASN A 99 19.92 -10.35 -13.52
N THR A 100 18.85 -11.14 -13.63
CA THR A 100 17.69 -10.93 -12.76
C THR A 100 18.12 -11.16 -11.31
N VAL A 101 18.71 -12.32 -11.03
CA VAL A 101 19.13 -12.60 -9.66
C VAL A 101 20.27 -11.69 -9.21
N LYS A 102 21.15 -11.32 -10.14
CA LYS A 102 22.25 -10.43 -9.80
C LYS A 102 21.74 -9.08 -9.30
N LEU A 103 20.77 -8.50 -10.00
CA LEU A 103 20.22 -7.21 -9.60
C LEU A 103 19.29 -7.32 -8.39
N GLN A 104 18.65 -8.46 -8.21
CA GLN A 104 17.78 -8.62 -7.06
C GLN A 104 18.65 -8.61 -5.81
N TYR A 105 19.89 -9.07 -5.97
CA TYR A 105 20.87 -9.14 -4.88
C TYR A 105 21.68 -7.85 -4.70
N SER A 106 22.03 -7.22 -5.82
CA SER A 106 22.85 -6.01 -5.77
C SER A 106 22.13 -4.67 -5.75
N ALA A 107 20.97 -4.60 -6.40
CA ALA A 107 20.26 -3.33 -6.51
C ALA A 107 18.95 -3.19 -5.78
N GLY A 108 18.01 -2.48 -6.39
CA GLY A 108 16.72 -2.26 -5.77
C GLY A 108 16.93 -1.28 -4.63
N VAL A 109 15.94 -1.17 -3.75
CA VAL A 109 16.07 -0.24 -2.63
C VAL A 109 16.91 -0.88 -1.53
N TYR A 110 16.87 -2.20 -1.46
CA TYR A 110 17.58 -2.94 -0.42
C TYR A 110 19.08 -3.14 -0.60
N ARG A 111 19.56 -3.17 -1.85
CA ARG A 111 20.99 -3.34 -2.14
C ARG A 111 21.63 -4.31 -1.16
N ILE A 112 21.01 -5.48 -1.02
CA ILE A 112 21.46 -6.51 -0.08
C ILE A 112 22.96 -6.83 -0.08
N ALA A 113 23.55 -7.04 -1.25
CA ALA A 113 24.96 -7.37 -1.34
C ALA A 113 25.88 -6.33 -0.70
N GLU A 114 25.41 -5.09 -0.59
CA GLU A 114 26.23 -4.02 -0.01
C GLU A 114 26.46 -4.20 1.48
N TRP A 115 25.57 -4.91 2.16
CA TRP A 115 25.69 -5.07 3.60
C TRP A 115 25.55 -6.47 4.20
N ALA A 116 24.88 -7.38 3.50
CA ALA A 116 24.70 -8.73 4.03
C ALA A 116 25.91 -9.62 3.84
N ASP A 117 26.55 -10.00 4.93
CA ASP A 117 27.73 -10.88 4.88
C ASP A 117 27.33 -12.20 4.26
N ILE A 118 26.15 -12.67 4.64
CA ILE A 118 25.62 -13.95 4.19
C ILE A 118 24.21 -13.84 3.62
N THR A 119 23.96 -14.60 2.58
CA THR A 119 22.65 -14.66 1.94
C THR A 119 22.35 -16.13 1.67
N ASN A 120 21.15 -16.43 1.19
CA ASN A 120 20.83 -17.81 0.87
C ASN A 120 20.07 -17.94 -0.43
N ALA A 121 20.18 -19.10 -1.04
CA ALA A 121 19.54 -19.36 -2.33
C ALA A 121 18.91 -20.73 -2.42
N HIS A 122 17.82 -20.81 -3.18
CA HIS A 122 17.15 -22.09 -3.40
C HIS A 122 17.95 -22.78 -4.48
N GLY A 123 18.16 -24.09 -4.34
CA GLY A 123 18.94 -24.81 -5.31
C GLY A 123 18.19 -25.26 -6.56
N VAL A 124 16.86 -25.23 -6.51
CA VAL A 124 16.04 -25.67 -7.62
C VAL A 124 16.38 -25.09 -8.99
N VAL A 125 16.86 -23.86 -9.04
CA VAL A 125 17.19 -23.24 -10.32
C VAL A 125 18.54 -23.65 -10.91
N GLY A 126 19.31 -24.44 -10.15
CA GLY A 126 20.59 -24.87 -10.66
C GLY A 126 21.76 -24.02 -10.20
N PRO A 127 23.00 -24.46 -10.49
CA PRO A 127 24.23 -23.76 -10.09
C PRO A 127 24.37 -22.34 -10.61
N GLY A 128 23.54 -21.96 -11.58
CA GLY A 128 23.60 -20.62 -12.11
C GLY A 128 23.35 -19.57 -11.03
N ILE A 129 22.58 -19.94 -10.00
CA ILE A 129 22.30 -18.99 -8.93
C ILE A 129 23.57 -18.75 -8.10
N VAL A 130 24.39 -19.78 -7.96
CA VAL A 130 25.64 -19.65 -7.22
C VAL A 130 26.64 -18.77 -7.96
N SER A 131 26.88 -19.09 -9.23
CA SER A 131 27.83 -18.32 -10.01
C SER A 131 27.37 -16.88 -10.21
N GLY A 132 26.06 -16.69 -10.36
CA GLY A 132 25.53 -15.35 -10.54
C GLY A 132 25.66 -14.48 -9.30
N LEU A 133 25.26 -15.01 -8.16
CA LEU A 133 25.37 -14.26 -6.91
C LEU A 133 26.83 -13.98 -6.59
N LYS A 134 27.71 -14.94 -6.89
CA LYS A 134 29.13 -14.77 -6.63
C LYS A 134 29.70 -13.62 -7.44
N GLN A 135 29.37 -13.57 -8.72
CA GLN A 135 29.86 -12.50 -9.57
C GLN A 135 29.32 -11.15 -9.09
N ALA A 136 28.06 -11.11 -8.71
CA ALA A 136 27.46 -9.86 -8.22
C ALA A 136 28.19 -9.40 -6.95
N ALA A 137 28.48 -10.33 -6.05
CA ALA A 137 29.17 -9.99 -4.82
C ALA A 137 30.54 -9.38 -5.10
N GLU A 138 31.28 -9.97 -6.04
CA GLU A 138 32.61 -9.46 -6.37
C GLU A 138 32.57 -8.05 -6.97
N GLU A 139 31.52 -7.76 -7.72
CA GLU A 139 31.40 -6.45 -8.36
C GLU A 139 30.93 -5.38 -7.38
N VAL A 140 30.10 -5.77 -6.43
CA VAL A 140 29.55 -4.81 -5.46
C VAL A 140 30.48 -4.33 -4.35
N THR A 141 31.20 -5.25 -3.73
CA THR A 141 32.04 -4.86 -2.60
C THR A 141 33.32 -5.68 -2.46
N LYS A 142 34.31 -5.07 -1.81
CA LYS A 142 35.58 -5.73 -1.58
C LYS A 142 35.44 -6.67 -0.39
N GLU A 143 34.42 -6.44 0.43
CA GLU A 143 34.18 -7.27 1.61
C GLU A 143 33.80 -8.68 1.20
N PRO A 144 34.28 -9.69 1.96
CA PRO A 144 33.97 -11.08 1.64
C PRO A 144 32.49 -11.36 1.82
N ARG A 145 31.95 -12.23 0.97
CA ARG A 145 30.55 -12.60 1.00
C ARG A 145 30.43 -14.12 0.98
N GLY A 146 29.36 -14.63 1.58
CA GLY A 146 29.13 -16.07 1.62
C GLY A 146 27.69 -16.42 1.27
N LEU A 147 27.49 -17.63 0.80
CA LEU A 147 26.16 -18.10 0.41
C LEU A 147 25.77 -19.42 1.07
N LEU A 148 24.52 -19.51 1.50
CA LEU A 148 23.98 -20.73 2.09
C LEU A 148 22.95 -21.26 1.12
N MET A 149 22.90 -22.57 0.94
CA MET A 149 21.89 -23.15 0.06
C MET A 149 20.76 -23.63 0.95
N LEU A 150 19.52 -23.43 0.50
CA LEU A 150 18.36 -23.88 1.27
C LEU A 150 18.11 -25.35 0.94
N ALA A 151 18.87 -26.22 1.63
CA ALA A 151 18.80 -27.66 1.40
C ALA A 151 17.58 -28.34 1.99
N GLU A 152 17.16 -27.92 3.18
CA GLU A 152 16.00 -28.49 3.83
C GLU A 152 15.14 -27.39 4.41
N LEU A 153 13.90 -27.32 3.94
CA LEU A 153 12.96 -26.32 4.42
C LEU A 153 12.09 -26.97 5.49
N SER A 154 11.61 -26.17 6.43
CA SER A 154 10.77 -26.68 7.50
C SER A 154 9.29 -26.35 7.34
N CYS A 155 8.98 -25.50 6.36
CA CYS A 155 7.60 -25.10 6.11
C CYS A 155 6.73 -26.30 5.73
N LYS A 156 5.45 -26.19 6.05
CA LYS A 156 4.48 -27.25 5.78
C LYS A 156 4.39 -27.63 4.31
N GLY A 157 4.53 -28.93 4.03
CA GLY A 157 4.43 -29.42 2.67
C GLY A 157 5.53 -29.04 1.71
N SER A 158 6.69 -28.66 2.23
CA SER A 158 7.82 -28.29 1.39
C SER A 158 8.26 -29.51 0.57
N LEU A 159 8.93 -29.26 -0.55
CA LEU A 159 9.37 -30.33 -1.42
C LEU A 159 10.87 -30.65 -1.30
N ALA A 160 11.46 -30.25 -0.17
CA ALA A 160 12.87 -30.50 0.08
C ALA A 160 13.06 -31.95 0.50
N THR A 161 12.78 -32.87 -0.42
CA THR A 161 12.91 -34.31 -0.17
C THR A 161 14.38 -34.70 -0.17
N GLY A 162 14.66 -35.96 0.13
CA GLY A 162 16.03 -36.42 0.13
C GLY A 162 16.72 -36.17 -1.19
N GLU A 163 16.03 -36.45 -2.29
CA GLU A 163 16.60 -36.26 -3.62
C GLU A 163 16.87 -34.79 -3.93
N TYR A 164 15.96 -33.92 -3.52
CA TYR A 164 16.11 -32.49 -3.73
C TYR A 164 17.30 -31.98 -2.91
N THR A 165 17.39 -32.46 -1.67
CA THR A 165 18.46 -32.06 -0.78
C THR A 165 19.81 -32.50 -1.34
N LYS A 166 19.88 -33.73 -1.84
CA LYS A 166 21.11 -34.24 -2.41
C LYS A 166 21.52 -33.36 -3.59
N GLY A 167 20.54 -32.99 -4.42
CA GLY A 167 20.81 -32.14 -5.56
C GLY A 167 21.34 -30.78 -5.15
N THR A 168 20.80 -30.24 -4.06
CA THR A 168 21.22 -28.94 -3.56
C THR A 168 22.64 -29.03 -3.01
N VAL A 169 22.94 -30.13 -2.32
CA VAL A 169 24.28 -30.33 -1.77
C VAL A 169 25.31 -30.42 -2.91
N ASP A 170 24.95 -31.10 -4.01
CA ASP A 170 25.86 -31.22 -5.13
C ASP A 170 26.14 -29.84 -5.74
N ILE A 171 25.13 -28.98 -5.76
CA ILE A 171 25.31 -27.64 -6.30
C ILE A 171 26.27 -26.85 -5.41
N ALA A 172 26.19 -27.06 -4.10
CA ALA A 172 27.07 -26.37 -3.17
C ALA A 172 28.53 -26.78 -3.39
N LYS A 173 28.73 -28.04 -3.76
CA LYS A 173 30.08 -28.55 -4.01
C LYS A 173 30.77 -27.82 -5.15
N SER A 174 29.99 -27.16 -6.01
CA SER A 174 30.55 -26.44 -7.15
C SER A 174 31.42 -25.24 -6.76
N ASP A 175 31.27 -24.75 -5.53
CA ASP A 175 32.05 -23.61 -5.10
C ASP A 175 32.25 -23.58 -3.58
N LYS A 176 33.33 -24.19 -3.11
CA LYS A 176 33.64 -24.24 -1.69
C LYS A 176 34.09 -22.89 -1.13
N ASP A 177 34.52 -22.00 -2.01
CA ASP A 177 34.96 -20.68 -1.58
C ASP A 177 33.78 -19.76 -1.24
N PHE A 178 32.70 -19.89 -2.02
CA PHE A 178 31.53 -19.05 -1.85
C PHE A 178 30.37 -19.68 -1.08
N VAL A 179 30.08 -20.94 -1.34
CA VAL A 179 28.99 -21.63 -0.64
C VAL A 179 29.55 -22.18 0.67
N ILE A 180 29.21 -21.53 1.77
CA ILE A 180 29.72 -21.92 3.07
C ILE A 180 28.88 -22.91 3.87
N GLY A 181 27.68 -23.21 3.40
CA GLY A 181 26.86 -24.14 4.15
C GLY A 181 25.41 -24.20 3.72
N PHE A 182 24.57 -24.63 4.65
CA PHE A 182 23.16 -24.80 4.36
C PHE A 182 22.21 -24.40 5.47
N ILE A 183 20.98 -24.19 5.07
CA ILE A 183 19.88 -23.98 6.00
C ILE A 183 19.36 -25.41 5.91
N ALA A 184 19.38 -26.13 7.03
CA ALA A 184 18.92 -27.51 7.01
C ALA A 184 18.53 -27.96 8.41
N GLN A 185 17.93 -29.14 8.48
CA GLN A 185 17.50 -29.70 9.76
C GLN A 185 18.39 -30.85 10.22
N ARG A 186 19.45 -31.13 9.48
CA ARG A 186 20.35 -32.22 9.82
C ARG A 186 21.71 -32.05 9.15
N ASP A 187 22.68 -32.84 9.59
CA ASP A 187 24.02 -32.78 9.01
C ASP A 187 23.93 -33.16 7.54
N MET A 188 24.72 -32.50 6.70
CA MET A 188 24.72 -32.76 5.26
C MET A 188 25.97 -33.51 4.82
N GLY A 189 26.78 -33.96 5.78
CA GLY A 189 28.00 -34.67 5.46
C GLY A 189 29.04 -33.80 4.76
N GLY A 190 29.80 -34.40 3.85
CA GLY A 190 30.80 -33.66 3.11
C GLY A 190 32.22 -33.66 3.67
N ARG A 191 32.38 -34.08 4.91
CA ARG A 191 33.70 -34.10 5.54
C ARG A 191 34.70 -35.00 4.81
N ASP A 192 34.25 -36.17 4.37
CA ASP A 192 35.13 -37.10 3.67
C ASP A 192 35.51 -36.58 2.28
N GLU A 193 34.79 -35.58 1.81
CA GLU A 193 35.06 -35.00 0.49
C GLU A 193 35.84 -33.69 0.55
N GLY A 194 36.20 -33.29 1.76
CA GLY A 194 36.97 -32.05 1.91
C GLY A 194 36.12 -30.80 2.07
N TYR A 195 34.85 -30.97 2.41
CA TYR A 195 33.96 -29.84 2.60
C TYR A 195 33.65 -29.68 4.09
N ASP A 196 33.58 -28.43 4.53
CA ASP A 196 33.27 -28.13 5.92
C ASP A 196 32.11 -27.15 5.92
N TRP A 197 30.90 -27.67 5.77
CA TRP A 197 29.72 -26.83 5.70
C TRP A 197 29.11 -26.43 7.03
N LEU A 198 28.68 -25.17 7.10
CA LEU A 198 28.02 -24.66 8.28
C LEU A 198 26.56 -25.11 8.17
N ILE A 199 26.07 -25.79 9.21
CA ILE A 199 24.68 -26.23 9.21
C ILE A 199 23.92 -25.28 10.14
N MET A 200 23.03 -24.47 9.57
CA MET A 200 22.25 -23.53 10.34
C MET A 200 20.81 -24.04 10.33
N THR A 201 20.26 -24.23 11.53
CA THR A 201 18.92 -24.80 11.67
C THR A 201 17.89 -23.92 12.39
N PRO A 202 16.79 -23.55 11.70
CA PRO A 202 15.73 -22.72 12.26
C PRO A 202 14.66 -23.58 12.91
N GLY A 203 13.86 -22.98 13.79
CA GLY A 203 12.80 -23.71 14.46
C GLY A 203 13.30 -24.51 15.64
N VAL A 204 13.77 -23.81 16.66
CA VAL A 204 14.30 -24.47 17.85
C VAL A 204 13.69 -23.89 19.11
N GLY A 205 13.42 -24.75 20.08
CA GLY A 205 12.84 -24.31 21.33
C GLY A 205 13.60 -24.87 22.51
N LEU A 206 13.16 -24.50 23.72
CA LEU A 206 13.81 -24.96 24.94
C LEU A 206 12.88 -25.78 25.83
N ASP A 207 11.75 -26.22 25.27
CA ASP A 207 10.79 -27.02 26.04
C ASP A 207 10.42 -26.35 27.37
N ASP A 208 10.01 -25.10 27.31
CA ASP A 208 9.64 -24.37 28.52
C ASP A 208 8.32 -24.84 29.10
N LYS A 209 8.25 -24.92 30.42
CA LYS A 209 7.06 -25.37 31.12
C LYS A 209 5.79 -24.61 30.73
N GLY A 210 4.76 -25.37 30.38
CA GLY A 210 3.48 -24.79 30.00
C GLY A 210 3.43 -24.12 28.63
N ASP A 211 4.55 -24.14 27.91
CA ASP A 211 4.64 -23.50 26.61
C ASP A 211 4.39 -24.44 25.42
N ALA A 212 3.12 -24.67 25.10
CA ALA A 212 2.78 -25.56 23.98
C ALA A 212 3.31 -25.06 22.66
N LEU A 213 3.24 -23.74 22.45
CA LEU A 213 3.72 -23.16 21.19
C LEU A 213 5.20 -23.51 20.96
N GLY A 214 6.03 -23.23 21.95
CA GLY A 214 7.45 -23.52 21.81
C GLY A 214 7.74 -25.00 21.78
N GLN A 215 6.88 -25.80 22.40
CA GLN A 215 7.10 -27.23 22.41
C GLN A 215 6.85 -27.88 21.06
N GLN A 216 6.35 -27.10 20.11
CA GLN A 216 6.11 -27.60 18.76
C GLN A 216 7.44 -27.74 18.02
N TYR A 217 8.46 -27.07 18.53
CA TYR A 217 9.78 -27.08 17.91
C TYR A 217 10.74 -28.06 18.57
N ARG A 218 11.70 -28.55 17.78
CA ARG A 218 12.73 -29.45 18.29
C ARG A 218 13.53 -28.62 19.28
N THR A 219 14.12 -29.27 20.27
CA THR A 219 14.90 -28.55 21.27
C THR A 219 16.31 -28.25 20.78
N VAL A 220 16.96 -27.31 21.46
CA VAL A 220 18.32 -26.93 21.13
C VAL A 220 19.23 -28.15 21.22
N ASP A 221 19.10 -28.91 22.30
CA ASP A 221 19.94 -30.10 22.47
C ASP A 221 19.75 -31.07 21.32
N ASP A 222 18.49 -31.27 20.92
CA ASP A 222 18.18 -32.19 19.83
C ASP A 222 18.89 -31.83 18.54
N VAL A 223 18.74 -30.59 18.08
CA VAL A 223 19.36 -30.19 16.83
C VAL A 223 20.89 -30.10 16.86
N VAL A 224 21.44 -29.60 17.95
CA VAL A 224 22.89 -29.49 18.04
C VAL A 224 23.56 -30.85 18.18
N SER A 225 23.03 -31.68 19.07
CA SER A 225 23.62 -33.01 19.27
C SER A 225 23.52 -33.82 17.98
N THR A 226 22.61 -33.42 17.11
CA THR A 226 22.38 -34.10 15.84
C THR A 226 23.27 -33.63 14.68
N GLY A 227 23.90 -32.46 14.82
CA GLY A 227 24.75 -32.00 13.74
C GLY A 227 24.61 -30.54 13.35
N SER A 228 23.65 -29.83 13.92
CA SER A 228 23.47 -28.42 13.59
C SER A 228 24.62 -27.64 14.23
N ASP A 229 25.16 -26.66 13.50
CA ASP A 229 26.27 -25.84 13.99
C ASP A 229 25.77 -24.52 14.59
N ILE A 230 24.69 -24.02 14.03
CA ILE A 230 24.10 -22.76 14.48
C ILE A 230 22.60 -22.94 14.65
N ILE A 231 22.07 -22.46 15.76
CA ILE A 231 20.63 -22.54 16.00
C ILE A 231 20.03 -21.19 15.64
N ILE A 232 19.02 -21.21 14.77
CA ILE A 232 18.36 -19.98 14.35
C ILE A 232 17.05 -19.89 15.13
N VAL A 233 17.02 -18.97 16.08
CA VAL A 233 15.86 -18.80 16.95
C VAL A 233 15.06 -17.56 16.56
N GLY A 234 13.74 -17.72 16.48
CA GLY A 234 12.88 -16.62 16.09
C GLY A 234 12.19 -15.86 17.20
N ARG A 235 10.86 -15.81 17.14
CA ARG A 235 10.06 -15.08 18.12
C ARG A 235 10.24 -15.52 19.57
N GLY A 236 10.78 -16.73 19.78
CA GLY A 236 11.00 -17.19 21.14
C GLY A 236 11.99 -16.31 21.88
N LEU A 237 12.67 -15.44 21.13
CA LEU A 237 13.65 -14.54 21.73
C LEU A 237 13.08 -13.20 22.18
N PHE A 238 11.92 -12.82 21.67
CA PHE A 238 11.39 -11.50 22.03
C PHE A 238 9.87 -11.33 22.11
N ALA A 239 9.12 -12.26 21.55
CA ALA A 239 7.66 -12.16 21.57
C ALA A 239 7.05 -12.35 22.96
N LYS A 240 5.77 -12.05 23.09
CA LYS A 240 5.03 -12.21 24.33
C LYS A 240 5.64 -11.49 25.53
N GLY A 241 6.07 -10.24 25.32
CA GLY A 241 6.66 -9.47 26.41
C GLY A 241 7.93 -10.01 27.01
N ARG A 242 8.66 -10.84 26.25
CA ARG A 242 9.91 -11.39 26.75
C ARG A 242 11.05 -10.39 26.70
N ASP A 243 12.06 -10.61 27.56
CA ASP A 243 13.24 -9.76 27.61
C ASP A 243 14.28 -10.40 26.69
N ALA A 244 14.49 -9.78 25.52
CA ALA A 244 15.42 -10.30 24.54
C ALA A 244 16.83 -10.59 25.05
N LYS A 245 17.34 -9.74 25.92
CA LYS A 245 18.68 -9.95 26.46
C LYS A 245 18.71 -11.22 27.30
N VAL A 246 17.65 -11.42 28.09
CA VAL A 246 17.54 -12.60 28.93
C VAL A 246 17.41 -13.86 28.07
N GLU A 247 16.50 -13.83 27.11
CA GLU A 247 16.29 -14.98 26.23
C GLU A 247 17.55 -15.27 25.42
N GLY A 248 18.20 -14.21 24.95
CA GLY A 248 19.43 -14.39 24.18
C GLY A 248 20.44 -15.20 24.95
N GLU A 249 20.60 -14.89 26.24
CA GLU A 249 21.54 -15.61 27.07
C GLU A 249 21.07 -17.05 27.31
N ARG A 250 19.76 -17.24 27.49
CA ARG A 250 19.22 -18.57 27.72
C ARG A 250 19.53 -19.48 26.54
N TYR A 251 19.21 -19.03 25.33
CA TYR A 251 19.47 -19.81 24.14
C TYR A 251 20.96 -19.96 23.83
N ARG A 252 21.74 -18.92 24.10
CA ARG A 252 23.18 -19.00 23.83
C ARG A 252 23.75 -20.07 24.75
N LYS A 253 23.39 -20.00 26.02
CA LYS A 253 23.87 -20.95 27.01
C LYS A 253 23.50 -22.37 26.61
N ALA A 254 22.22 -22.60 26.27
CA ALA A 254 21.78 -23.92 25.88
C ALA A 254 22.51 -24.43 24.63
N GLY A 255 22.63 -23.56 23.63
CA GLY A 255 23.30 -23.96 22.40
C GLY A 255 24.76 -24.29 22.61
N TRP A 256 25.45 -23.47 23.40
CA TRP A 256 26.87 -23.71 23.63
C TRP A 256 27.09 -24.96 24.47
N GLU A 257 26.29 -25.15 25.51
CA GLU A 257 26.44 -26.32 26.36
C GLU A 257 26.20 -27.59 25.53
N ALA A 258 25.22 -27.55 24.63
CA ALA A 258 24.94 -28.72 23.80
C ALA A 258 26.14 -28.99 22.88
N TYR A 259 26.71 -27.92 22.34
CA TYR A 259 27.87 -28.03 21.47
C TYR A 259 29.06 -28.68 22.19
N LEU A 260 29.33 -28.22 23.40
CA LEU A 260 30.45 -28.77 24.17
C LEU A 260 30.21 -30.24 24.48
N ARG A 261 28.95 -30.58 24.72
CA ARG A 261 28.57 -31.96 25.02
C ARG A 261 28.91 -32.80 23.79
N ARG A 262 28.74 -32.20 22.62
CA ARG A 262 29.02 -32.85 21.35
C ARG A 262 30.52 -33.01 21.14
N LYS B 3 -29.75 26.82 4.34
CA LYS B 3 -29.05 26.24 5.52
C LYS B 3 -27.56 26.51 5.45
N ALA B 4 -26.88 26.38 6.59
CA ALA B 4 -25.44 26.57 6.64
C ALA B 4 -24.82 25.40 5.90
N THR B 5 -23.50 25.45 5.70
CA THR B 5 -22.81 24.36 5.00
C THR B 5 -22.72 23.15 5.93
N TYR B 6 -22.43 21.98 5.36
CA TYR B 6 -22.31 20.78 6.17
C TYR B 6 -21.19 20.96 7.19
N LYS B 7 -20.10 21.60 6.78
CA LYS B 7 -18.97 21.82 7.68
C LYS B 7 -19.38 22.66 8.89
N GLU B 8 -20.12 23.73 8.61
CA GLU B 8 -20.58 24.63 9.67
C GLU B 8 -21.54 23.93 10.63
N ARG B 9 -22.45 23.13 10.08
CA ARG B 9 -23.43 22.42 10.90
C ARG B 9 -22.77 21.38 11.81
N ALA B 10 -21.68 20.78 11.34
CA ALA B 10 -20.97 19.78 12.12
C ALA B 10 -20.34 20.39 13.37
N ALA B 11 -19.84 21.62 13.21
CA ALA B 11 -19.16 22.31 14.30
C ALA B 11 -20.07 22.78 15.42
N THR B 12 -21.36 22.92 15.15
CA THR B 12 -22.29 23.40 16.17
C THR B 12 -23.38 22.41 16.55
N HIS B 13 -23.36 21.21 15.96
CA HIS B 13 -24.40 20.24 16.27
C HIS B 13 -24.28 19.57 17.65
N PRO B 14 -25.40 19.49 18.39
CA PRO B 14 -25.44 18.87 19.71
C PRO B 14 -25.25 17.35 19.73
N SER B 15 -25.51 16.71 18.60
CA SER B 15 -25.35 15.26 18.49
C SER B 15 -24.01 14.85 17.90
N PRO B 16 -23.23 14.04 18.64
CA PRO B 16 -21.92 13.59 18.15
C PRO B 16 -22.02 12.78 16.85
N VAL B 17 -23.12 12.05 16.70
CA VAL B 17 -23.30 11.25 15.49
C VAL B 17 -23.55 12.15 14.29
N ALA B 18 -24.40 13.17 14.46
CA ALA B 18 -24.68 14.09 13.38
C ALA B 18 -23.44 14.89 13.03
N ALA B 19 -22.69 15.31 14.05
CA ALA B 19 -21.46 16.07 13.82
C ALA B 19 -20.51 15.20 13.00
N LYS B 20 -20.39 13.93 13.40
CA LYS B 20 -19.52 13.00 12.70
C LYS B 20 -19.96 12.84 11.25
N LEU B 21 -21.26 12.70 11.03
CA LEU B 21 -21.78 12.54 9.67
C LEU B 21 -21.55 13.78 8.81
N PHE B 22 -21.85 14.96 9.36
CA PHE B 22 -21.65 16.19 8.59
C PHE B 22 -20.18 16.38 8.20
N ASN B 23 -19.27 15.99 9.09
CA ASN B 23 -17.84 16.09 8.81
C ASN B 23 -17.44 15.12 7.71
N ILE B 24 -18.05 13.93 7.71
CA ILE B 24 -17.75 12.94 6.68
C ILE B 24 -18.21 13.50 5.33
N MET B 25 -19.39 14.10 5.31
CA MET B 25 -19.94 14.67 4.09
C MET B 25 -19.02 15.75 3.52
N HIS B 26 -18.54 16.63 4.40
CA HIS B 26 -17.65 17.70 3.96
C HIS B 26 -16.32 17.15 3.45
N GLU B 27 -15.71 16.27 4.24
CA GLU B 27 -14.41 15.70 3.92
C GLU B 27 -14.37 14.85 2.65
N LYS B 28 -15.43 14.09 2.40
CA LYS B 28 -15.49 13.24 1.22
C LYS B 28 -16.29 13.87 0.08
N GLN B 29 -16.83 15.06 0.33
CA GLN B 29 -17.64 15.76 -0.67
C GLN B 29 -18.77 14.87 -1.18
N THR B 30 -19.51 14.32 -0.24
CA THR B 30 -20.62 13.45 -0.59
C THR B 30 -21.80 13.59 0.37
N ASN B 31 -23.00 13.57 -0.19
CA ASN B 31 -24.21 13.59 0.63
C ASN B 31 -25.04 12.39 0.18
N LEU B 32 -24.35 11.39 -0.36
CA LEU B 32 -24.99 10.17 -0.84
C LEU B 32 -25.06 9.03 0.17
N CYS B 33 -26.24 8.44 0.29
CA CYS B 33 -26.44 7.29 1.16
C CYS B 33 -26.87 6.17 0.22
N ALA B 34 -26.16 5.04 0.30
CA ALA B 34 -26.52 3.90 -0.54
C ALA B 34 -27.44 3.00 0.27
N SER B 35 -28.63 2.74 -0.27
CA SER B 35 -29.62 1.89 0.37
C SER B 35 -29.58 0.54 -0.33
N LEU B 36 -28.98 -0.45 0.31
CA LEU B 36 -28.83 -1.77 -0.30
C LEU B 36 -29.74 -2.84 0.29
N ASP B 37 -30.52 -3.48 -0.58
CA ASP B 37 -31.44 -4.52 -0.17
C ASP B 37 -31.14 -5.80 -0.95
N VAL B 38 -30.02 -6.43 -0.63
CA VAL B 38 -29.64 -7.67 -1.32
C VAL B 38 -29.85 -8.89 -0.43
N ARG B 39 -29.96 -10.05 -1.07
CA ARG B 39 -30.20 -11.31 -0.36
C ARG B 39 -29.01 -11.93 0.37
N THR B 40 -27.80 -11.75 -0.15
CA THR B 40 -26.64 -12.36 0.49
C THR B 40 -25.57 -11.42 1.01
N THR B 41 -24.91 -11.84 2.09
CA THR B 41 -23.84 -11.06 2.70
C THR B 41 -22.70 -10.85 1.70
N LYS B 42 -22.49 -11.84 0.82
CA LYS B 42 -21.43 -11.75 -0.19
C LYS B 42 -21.68 -10.56 -1.11
N GLU B 43 -22.86 -10.48 -1.68
CA GLU B 43 -23.17 -9.38 -2.58
C GLU B 43 -23.12 -8.05 -1.83
N LEU B 44 -23.65 -8.04 -0.61
CA LEU B 44 -23.65 -6.83 0.20
C LEU B 44 -22.23 -6.28 0.37
N LEU B 45 -21.31 -7.15 0.79
CA LEU B 45 -19.93 -6.73 1.01
C LEU B 45 -19.26 -6.26 -0.27
N GLU B 46 -19.57 -6.92 -1.39
CA GLU B 46 -18.99 -6.53 -2.67
C GLU B 46 -19.42 -5.11 -3.00
N LEU B 47 -20.72 -4.85 -2.90
CA LEU B 47 -21.29 -3.54 -3.19
C LEU B 47 -20.77 -2.43 -2.28
N VAL B 48 -20.69 -2.71 -0.99
CA VAL B 48 -20.22 -1.71 -0.03
C VAL B 48 -18.77 -1.34 -0.33
N GLU B 49 -17.96 -2.32 -0.70
CA GLU B 49 -16.56 -2.08 -1.02
C GLU B 49 -16.50 -1.11 -2.22
N ALA B 50 -17.32 -1.39 -3.23
CA ALA B 50 -17.36 -0.56 -4.43
C ALA B 50 -17.87 0.85 -4.14
N LEU B 51 -18.89 0.95 -3.31
CA LEU B 51 -19.51 2.22 -2.97
C LEU B 51 -18.86 3.01 -1.82
N GLY B 52 -18.05 2.34 -1.01
CA GLY B 52 -17.42 2.99 0.13
C GLY B 52 -16.87 4.39 -0.04
N PRO B 53 -16.03 4.64 -1.05
CA PRO B 53 -15.45 5.96 -1.31
C PRO B 53 -16.44 7.05 -1.71
N LYS B 54 -17.61 6.62 -2.18
CA LYS B 54 -18.63 7.54 -2.68
C LYS B 54 -19.74 7.93 -1.72
N ILE B 55 -19.84 7.23 -0.59
CA ILE B 55 -20.94 7.48 0.34
C ILE B 55 -20.58 8.03 1.71
N CYS B 56 -21.56 8.64 2.37
CA CYS B 56 -21.38 9.16 3.71
C CYS B 56 -22.13 8.23 4.65
N LEU B 57 -23.03 7.43 4.08
CA LEU B 57 -23.88 6.55 4.88
C LEU B 57 -24.33 5.33 4.10
N LEU B 58 -24.39 4.18 4.77
CA LEU B 58 -24.85 2.95 4.14
C LEU B 58 -26.11 2.52 4.87
N LYS B 59 -27.21 2.36 4.13
CA LYS B 59 -28.45 1.92 4.76
C LYS B 59 -28.61 0.42 4.50
N THR B 60 -28.45 -0.36 5.56
CA THR B 60 -28.56 -1.81 5.45
C THR B 60 -30.01 -2.27 5.60
N HIS B 61 -30.27 -3.51 5.20
CA HIS B 61 -31.58 -4.14 5.33
C HIS B 61 -31.32 -5.56 5.77
N VAL B 62 -30.92 -5.74 7.03
CA VAL B 62 -30.58 -7.07 7.53
C VAL B 62 -31.71 -8.09 7.55
N ASP B 63 -32.94 -7.62 7.65
CA ASP B 63 -34.06 -8.56 7.70
C ASP B 63 -34.25 -9.36 6.42
N ILE B 64 -33.75 -8.88 5.29
CA ILE B 64 -33.90 -9.64 4.05
C ILE B 64 -32.70 -10.50 3.71
N LEU B 65 -31.63 -10.40 4.50
CA LEU B 65 -30.43 -11.19 4.29
C LEU B 65 -30.73 -12.66 4.62
N THR B 66 -30.28 -13.56 3.78
CA THR B 66 -30.53 -14.98 4.00
C THR B 66 -29.43 -15.63 4.83
N ASP B 67 -28.30 -14.94 4.96
CA ASP B 67 -27.17 -15.47 5.72
C ASP B 67 -26.53 -14.47 6.68
N PHE B 68 -27.35 -13.71 7.40
CA PHE B 68 -26.81 -12.74 8.34
C PHE B 68 -26.12 -13.42 9.53
N SER B 69 -25.00 -12.86 9.93
CA SER B 69 -24.26 -13.34 11.09
C SER B 69 -23.36 -12.20 11.57
N MET B 70 -23.14 -12.13 12.87
CA MET B 70 -22.30 -11.08 13.44
C MET B 70 -20.87 -11.16 12.94
N GLU B 71 -20.34 -12.37 12.84
CA GLU B 71 -18.96 -12.56 12.40
C GLU B 71 -18.77 -12.42 10.89
N GLY B 72 -19.75 -12.89 10.12
CA GLY B 72 -19.63 -12.81 8.67
C GLY B 72 -20.23 -11.59 7.99
N THR B 73 -21.14 -10.92 8.68
CA THR B 73 -21.77 -9.74 8.10
C THR B 73 -21.36 -8.44 8.78
N VAL B 74 -21.64 -8.35 10.08
CA VAL B 74 -21.33 -7.15 10.84
C VAL B 74 -19.83 -6.84 10.96
N LYS B 75 -19.03 -7.86 11.25
CA LYS B 75 -17.59 -7.63 11.39
C LYS B 75 -16.98 -7.00 10.14
N PRO B 76 -17.16 -7.63 8.97
CA PRO B 76 -16.58 -7.04 7.75
C PRO B 76 -17.22 -5.69 7.38
N LEU B 77 -18.50 -5.54 7.73
CA LEU B 77 -19.21 -4.29 7.44
C LEU B 77 -18.60 -3.16 8.26
N LYS B 78 -18.27 -3.44 9.52
CA LYS B 78 -17.67 -2.44 10.39
C LYS B 78 -16.26 -2.10 9.88
N ALA B 79 -15.56 -3.11 9.37
CA ALA B 79 -14.22 -2.89 8.85
C ALA B 79 -14.30 -1.97 7.62
N LEU B 80 -15.28 -2.20 6.76
CA LEU B 80 -15.45 -1.38 5.56
C LEU B 80 -15.82 0.05 5.96
N SER B 81 -16.64 0.16 7.00
CA SER B 81 -17.07 1.46 7.52
C SER B 81 -15.87 2.28 7.99
N ALA B 82 -14.94 1.60 8.65
CA ALA B 82 -13.75 2.24 9.18
C ALA B 82 -12.77 2.58 8.07
N LYS B 83 -12.60 1.66 7.13
CA LYS B 83 -11.68 1.84 6.03
C LYS B 83 -12.07 2.94 5.04
N TYR B 84 -13.35 3.02 4.74
CA TYR B 84 -13.84 4.01 3.78
C TYR B 84 -14.48 5.25 4.40
N ASN B 85 -14.61 5.25 5.72
CA ASN B 85 -15.17 6.37 6.45
C ASN B 85 -16.62 6.74 6.11
N PHE B 86 -17.55 5.91 6.56
CA PHE B 86 -18.97 6.18 6.36
C PHE B 86 -19.70 5.54 7.54
N LEU B 87 -20.92 6.00 7.82
CA LEU B 87 -21.66 5.45 8.95
C LEU B 87 -22.65 4.38 8.50
N LEU B 88 -23.15 3.63 9.46
CA LEU B 88 -24.11 2.56 9.21
C LEU B 88 -25.50 2.94 9.72
N PHE B 89 -26.50 2.75 8.87
CA PHE B 89 -27.90 3.06 9.17
C PHE B 89 -28.72 1.81 8.85
N GLU B 90 -29.28 1.17 9.88
CA GLU B 90 -30.09 -0.02 9.64
C GLU B 90 -31.54 0.36 9.41
N ASN B 91 -32.15 -0.29 8.42
CA ASN B 91 -33.51 -0.05 8.02
C ASN B 91 -34.63 -0.22 9.06
N ARG B 92 -34.54 -1.30 9.84
CA ARG B 92 -35.58 -1.63 10.82
C ARG B 92 -36.33 -0.42 11.35
N LYS B 93 -37.61 -0.33 10.95
CA LYS B 93 -38.46 0.79 11.35
C LYS B 93 -39.15 0.49 12.67
N PHE B 94 -38.46 0.82 13.77
CA PHE B 94 -38.99 0.55 15.10
C PHE B 94 -40.34 1.21 15.30
N ALA B 95 -41.25 0.49 15.95
CA ALA B 95 -42.60 0.99 16.16
C ALA B 95 -43.29 0.41 17.38
N ASP B 96 -42.60 0.44 18.51
CA ASP B 96 -43.17 -0.04 19.76
C ASP B 96 -42.48 0.75 20.86
N ILE B 97 -42.80 0.46 22.12
CA ILE B 97 -42.19 1.18 23.23
C ILE B 97 -41.72 0.23 24.32
N GLY B 98 -41.16 0.80 25.38
CA GLY B 98 -40.70 0.01 26.51
C GLY B 98 -39.66 -1.06 26.23
N ASN B 99 -39.66 -2.09 27.07
CA ASN B 99 -38.70 -3.18 26.92
C ASN B 99 -38.81 -3.92 25.60
N THR B 100 -40.00 -3.93 25.01
CA THR B 100 -40.16 -4.60 23.73
C THR B 100 -39.27 -3.91 22.69
N VAL B 101 -39.40 -2.60 22.56
CA VAL B 101 -38.61 -1.89 21.57
C VAL B 101 -37.12 -1.88 21.95
N LYS B 102 -36.83 -1.86 23.24
CA LYS B 102 -35.44 -1.87 23.69
C LYS B 102 -34.75 -3.15 23.25
N LEU B 103 -35.42 -4.29 23.44
CA LEU B 103 -34.84 -5.57 23.06
C LEU B 103 -34.84 -5.81 21.56
N GLN B 104 -35.81 -5.23 20.84
CA GLN B 104 -35.85 -5.40 19.40
C GLN B 104 -34.64 -4.69 18.79
N TYR B 105 -34.19 -3.64 19.49
CA TYR B 105 -33.05 -2.82 19.06
C TYR B 105 -31.72 -3.35 19.58
N SER B 106 -31.70 -3.83 20.82
CA SER B 106 -30.45 -4.31 21.43
C SER B 106 -30.14 -5.79 21.30
N ALA B 107 -31.18 -6.63 21.25
CA ALA B 107 -30.96 -8.07 21.21
C ALA B 107 -31.33 -8.79 19.92
N GLY B 108 -31.80 -10.02 20.07
CA GLY B 108 -32.15 -10.81 18.92
C GLY B 108 -30.89 -11.29 18.24
N VAL B 109 -31.02 -11.78 17.02
CA VAL B 109 -29.86 -12.25 16.26
C VAL B 109 -29.09 -11.08 15.69
N TYR B 110 -29.83 -10.03 15.32
CA TYR B 110 -29.24 -8.85 14.70
C TYR B 110 -28.52 -7.86 15.62
N ARG B 111 -28.91 -7.81 16.89
CA ARG B 111 -28.29 -6.89 17.87
C ARG B 111 -27.89 -5.58 17.20
N ILE B 112 -28.86 -4.96 16.56
CA ILE B 112 -28.69 -3.71 15.83
C ILE B 112 -27.94 -2.58 16.54
N ALA B 113 -28.30 -2.30 17.79
CA ALA B 113 -27.67 -1.22 18.54
C ALA B 113 -26.16 -1.39 18.69
N GLU B 114 -25.68 -2.62 18.55
CA GLU B 114 -24.25 -2.91 18.67
C GLU B 114 -23.40 -2.39 17.52
N TRP B 115 -24.01 -2.24 16.34
CA TRP B 115 -23.24 -1.79 15.18
C TRP B 115 -23.80 -0.65 14.34
N ALA B 116 -25.11 -0.42 14.42
CA ALA B 116 -25.71 0.64 13.62
C ALA B 116 -25.58 2.02 14.29
N ASP B 117 -24.85 2.93 13.63
CA ASP B 117 -24.66 4.28 14.15
C ASP B 117 -25.99 5.02 14.23
N ILE B 118 -26.81 4.80 13.20
CA ILE B 118 -28.09 5.46 13.08
C ILE B 118 -29.21 4.46 12.86
N THR B 119 -30.36 4.73 13.47
CA THR B 119 -31.54 3.88 13.32
C THR B 119 -32.73 4.83 13.12
N ASN B 120 -33.90 4.28 12.86
CA ASN B 120 -35.06 5.14 12.68
C ASN B 120 -36.29 4.58 13.34
N ALA B 121 -37.22 5.47 13.70
CA ALA B 121 -38.43 5.07 14.38
C ALA B 121 -39.68 5.77 13.89
N HIS B 122 -40.81 5.07 13.96
CA HIS B 122 -42.10 5.63 13.58
C HIS B 122 -42.56 6.46 14.75
N GLY B 123 -43.10 7.64 14.49
CA GLY B 123 -43.53 8.49 15.58
C GLY B 123 -44.90 8.15 16.14
N VAL B 124 -45.66 7.33 15.42
CA VAL B 124 -47.01 6.99 15.83
C VAL B 124 -47.18 6.52 17.28
N VAL B 125 -46.20 5.81 17.83
CA VAL B 125 -46.30 5.31 19.20
C VAL B 125 -46.02 6.34 20.29
N GLY B 126 -45.59 7.53 19.91
CA GLY B 126 -45.31 8.55 20.90
C GLY B 126 -43.84 8.64 21.28
N PRO B 127 -43.46 9.65 22.06
CA PRO B 127 -42.07 9.87 22.50
C PRO B 127 -41.42 8.73 23.26
N GLY B 128 -42.21 7.77 23.73
CA GLY B 128 -41.65 6.65 24.44
C GLY B 128 -40.70 5.85 23.58
N ILE B 129 -40.84 5.92 22.26
CA ILE B 129 -39.94 5.18 21.39
C ILE B 129 -38.55 5.82 21.40
N VAL B 130 -38.54 7.15 21.52
CA VAL B 130 -37.28 7.89 21.56
C VAL B 130 -36.54 7.62 22.87
N SER B 131 -37.23 7.77 23.99
CA SER B 131 -36.60 7.55 25.29
C SER B 131 -36.17 6.10 25.46
N GLY B 132 -36.98 5.18 24.95
CA GLY B 132 -36.66 3.77 25.06
C GLY B 132 -35.43 3.40 24.25
N LEU B 133 -35.39 3.82 23.00
CA LEU B 133 -34.24 3.50 22.15
C LEU B 133 -32.98 4.19 22.69
N LYS B 134 -33.15 5.39 23.23
CA LYS B 134 -32.04 6.15 23.80
C LYS B 134 -31.43 5.36 24.96
N GLN B 135 -32.29 4.89 25.87
CA GLN B 135 -31.83 4.12 27.02
C GLN B 135 -31.06 2.88 26.58
N ALA B 136 -31.64 2.14 25.64
CA ALA B 136 -31.00 0.94 25.14
C ALA B 136 -29.63 1.24 24.54
N ALA B 137 -29.55 2.31 23.75
CA ALA B 137 -28.29 2.69 23.13
C ALA B 137 -27.19 2.91 24.18
N GLU B 138 -27.55 3.60 25.25
CA GLU B 138 -26.59 3.91 26.30
C GLU B 138 -26.11 2.69 27.06
N GLU B 139 -26.97 1.68 27.20
CA GLU B 139 -26.60 0.47 27.91
C GLU B 139 -25.78 -0.49 27.05
N VAL B 140 -26.05 -0.48 25.74
CA VAL B 140 -25.36 -1.39 24.83
C VAL B 140 -23.92 -1.02 24.46
N THR B 141 -23.67 0.24 24.17
CA THR B 141 -22.35 0.65 23.73
C THR B 141 -21.94 2.06 24.12
N LYS B 142 -20.64 2.27 24.21
CA LYS B 142 -20.08 3.58 24.55
C LYS B 142 -20.12 4.46 23.31
N GLU B 143 -20.16 3.82 22.14
CA GLU B 143 -20.19 4.57 20.87
C GLU B 143 -21.47 5.40 20.77
N PRO B 144 -21.36 6.61 20.22
CA PRO B 144 -22.55 7.45 20.09
C PRO B 144 -23.54 6.85 19.10
N ARG B 145 -24.81 7.13 19.33
CA ARG B 145 -25.88 6.61 18.49
C ARG B 145 -26.84 7.74 18.15
N GLY B 146 -27.51 7.62 17.01
CA GLY B 146 -28.46 8.64 16.59
C GLY B 146 -29.76 8.04 16.09
N LEU B 147 -30.83 8.81 16.16
CA LEU B 147 -32.13 8.36 15.72
C LEU B 147 -32.80 9.32 14.73
N LEU B 148 -33.41 8.75 13.70
CA LEU B 148 -34.15 9.52 12.70
C LEU B 148 -35.62 9.18 12.90
N MET B 149 -36.48 10.18 12.83
CA MET B 149 -37.92 9.90 12.93
C MET B 149 -38.45 9.81 11.52
N LEU B 150 -39.34 8.85 11.28
CA LEU B 150 -39.93 8.65 9.96
C LEU B 150 -41.11 9.61 9.81
N ALA B 151 -40.79 10.86 9.49
CA ALA B 151 -41.78 11.92 9.36
C ALA B 151 -42.63 11.85 8.09
N GLU B 152 -42.01 11.47 6.98
CA GLU B 152 -42.74 11.35 5.71
C GLU B 152 -42.28 10.11 4.96
N LEU B 153 -43.19 9.16 4.80
CA LEU B 153 -42.89 7.93 4.08
C LEU B 153 -43.22 8.14 2.60
N SER B 154 -42.59 7.38 1.73
CA SER B 154 -42.84 7.53 0.30
C SER B 154 -43.72 6.42 -0.27
N CYS B 155 -44.03 5.41 0.54
CA CYS B 155 -44.86 4.29 0.09
C CYS B 155 -46.29 4.72 -0.23
N LYS B 156 -46.89 4.02 -1.18
CA LYS B 156 -48.24 4.33 -1.62
C LYS B 156 -49.30 4.25 -0.53
N GLY B 157 -50.10 5.31 -0.42
CA GLY B 157 -51.16 5.35 0.56
C GLY B 157 -50.70 5.54 2.00
N SER B 158 -49.47 5.98 2.19
CA SER B 158 -48.96 6.18 3.55
C SER B 158 -49.79 7.26 4.25
N LEU B 159 -49.85 7.17 5.57
CA LEU B 159 -50.61 8.11 6.38
C LEU B 159 -49.70 9.15 7.04
N ALA B 160 -48.45 9.20 6.60
CA ALA B 160 -47.47 10.14 7.16
C ALA B 160 -47.61 11.52 6.54
N THR B 161 -48.77 12.14 6.75
CA THR B 161 -49.01 13.46 6.18
C THR B 161 -49.51 14.46 7.22
N GLY B 162 -49.71 15.69 6.77
CA GLY B 162 -50.20 16.77 7.62
C GLY B 162 -49.90 16.71 9.11
N GLU B 163 -50.94 16.45 9.90
CA GLU B 163 -50.81 16.39 11.35
C GLU B 163 -49.88 15.31 11.86
N TYR B 164 -49.78 14.20 11.12
CA TYR B 164 -48.90 13.11 11.55
C TYR B 164 -47.46 13.57 11.49
N THR B 165 -47.11 14.22 10.39
CA THR B 165 -45.75 14.70 10.21
C THR B 165 -45.44 15.75 11.28
N LYS B 166 -46.38 16.66 11.52
CA LYS B 166 -46.20 17.70 12.52
C LYS B 166 -46.00 17.09 13.91
N GLY B 167 -46.78 16.04 14.22
CA GLY B 167 -46.66 15.39 15.51
C GLY B 167 -45.34 14.66 15.65
N THR B 168 -44.83 14.15 14.53
CA THR B 168 -43.55 13.45 14.52
C THR B 168 -42.42 14.45 14.77
N VAL B 169 -42.55 15.63 14.18
CA VAL B 169 -41.55 16.67 14.36
C VAL B 169 -41.53 17.10 15.83
N ASP B 170 -42.70 17.22 16.45
CA ASP B 170 -42.76 17.62 17.85
C ASP B 170 -42.08 16.58 18.72
N ILE B 171 -42.24 15.30 18.38
CA ILE B 171 -41.61 14.24 19.13
C ILE B 171 -40.08 14.39 19.06
N ALA B 172 -39.59 14.73 17.87
CA ALA B 172 -38.15 14.92 17.67
C ALA B 172 -37.61 16.03 18.56
N LYS B 173 -38.40 17.06 18.78
CA LYS B 173 -37.98 18.19 19.62
C LYS B 173 -37.70 17.79 21.07
N SER B 174 -38.19 16.63 21.48
CA SER B 174 -37.99 16.16 22.85
C SER B 174 -36.55 15.77 23.18
N ASP B 175 -35.72 15.58 22.16
CA ASP B 175 -34.34 15.18 22.40
C ASP B 175 -33.43 15.53 21.22
N LYS B 176 -32.85 16.73 21.26
CA LYS B 176 -31.97 17.16 20.18
C LYS B 176 -30.61 16.47 20.21
N ASP B 177 -30.29 15.82 21.32
CA ASP B 177 -29.01 15.13 21.43
C ASP B 177 -29.07 13.77 20.75
N PHE B 178 -30.23 13.11 20.83
CA PHE B 178 -30.41 11.78 20.25
C PHE B 178 -31.10 11.75 18.90
N VAL B 179 -32.14 12.57 18.72
CA VAL B 179 -32.86 12.59 17.44
C VAL B 179 -32.15 13.58 16.52
N ILE B 180 -31.45 13.06 15.53
CA ILE B 180 -30.67 13.90 14.62
C ILE B 180 -31.37 14.40 13.38
N GLY B 181 -32.55 13.86 13.08
CA GLY B 181 -33.25 14.30 11.89
C GLY B 181 -34.41 13.43 11.49
N PHE B 182 -34.72 13.45 10.20
CA PHE B 182 -35.85 12.71 9.67
C PHE B 182 -35.64 12.04 8.34
N ILE B 183 -36.51 11.07 8.08
CA ILE B 183 -36.57 10.44 6.78
C ILE B 183 -37.78 11.26 6.34
N ALA B 184 -37.60 12.09 5.31
CA ALA B 184 -38.69 12.93 4.83
C ALA B 184 -38.46 13.32 3.38
N GLN B 185 -39.47 13.93 2.77
CA GLN B 185 -39.39 14.34 1.38
C GLN B 185 -39.24 15.85 1.24
N ARG B 186 -39.11 16.55 2.36
CA ARG B 186 -38.96 17.99 2.35
C ARG B 186 -38.41 18.52 3.67
N ASP B 187 -38.01 19.79 3.66
CA ASP B 187 -37.48 20.44 4.86
C ASP B 187 -38.55 20.41 5.94
N MET B 188 -38.13 20.17 7.19
CA MET B 188 -39.06 20.11 8.31
C MET B 188 -38.90 21.35 9.20
N GLY B 189 -38.18 22.35 8.69
CA GLY B 189 -37.97 23.58 9.44
C GLY B 189 -37.20 23.34 10.72
N GLY B 190 -37.55 24.11 11.76
CA GLY B 190 -36.91 23.95 13.05
C GLY B 190 -35.72 24.86 13.35
N ARG B 191 -35.17 25.50 12.34
CA ARG B 191 -34.01 26.38 12.52
C ARG B 191 -34.25 27.54 13.48
N ASP B 192 -35.41 28.18 13.38
CA ASP B 192 -35.72 29.32 14.24
C ASP B 192 -36.10 28.89 15.66
N GLU B 193 -35.87 27.61 15.97
CA GLU B 193 -36.18 27.08 17.28
C GLU B 193 -34.94 26.40 17.89
N GLY B 194 -33.82 26.52 17.19
CA GLY B 194 -32.58 25.94 17.69
C GLY B 194 -32.31 24.51 17.26
N TYR B 195 -33.09 24.00 16.32
CA TYR B 195 -32.90 22.65 15.84
C TYR B 195 -32.24 22.63 14.48
N ASP B 196 -31.34 21.67 14.27
CA ASP B 196 -30.64 21.52 13.01
C ASP B 196 -30.77 20.06 12.60
N TRP B 197 -31.90 19.74 11.97
CA TRP B 197 -32.17 18.38 11.58
C TRP B 197 -31.64 17.95 10.23
N LEU B 198 -31.16 16.71 10.18
CA LEU B 198 -30.68 16.12 8.95
C LEU B 198 -31.92 15.62 8.22
N ILE B 199 -32.09 16.03 6.96
CA ILE B 199 -33.22 15.58 6.17
C ILE B 199 -32.65 14.56 5.17
N MET B 200 -33.04 13.30 5.36
CA MET B 200 -32.58 12.23 4.48
C MET B 200 -33.77 11.79 3.63
N THR B 201 -33.60 11.86 2.32
CA THR B 201 -34.68 11.57 1.37
C THR B 201 -34.45 10.42 0.41
N PRO B 202 -35.29 9.38 0.48
CA PRO B 202 -35.19 8.21 -0.40
C PRO B 202 -36.04 8.41 -1.65
N GLY B 203 -35.79 7.61 -2.68
CA GLY B 203 -36.54 7.69 -3.91
C GLY B 203 -36.08 8.85 -4.78
N VAL B 204 -34.85 8.76 -5.24
CA VAL B 204 -34.26 9.81 -6.07
C VAL B 204 -33.66 9.23 -7.34
N GLY B 205 -33.80 9.97 -8.44
CA GLY B 205 -33.28 9.52 -9.71
C GLY B 205 -32.49 10.60 -10.43
N LEU B 206 -31.94 10.27 -11.59
CA LEU B 206 -31.16 11.21 -12.37
C LEU B 206 -31.77 11.52 -13.73
N ASP B 207 -33.03 11.16 -13.93
CA ASP B 207 -33.70 11.43 -15.20
C ASP B 207 -32.89 10.91 -16.37
N ASP B 208 -32.45 9.66 -16.30
CA ASP B 208 -31.65 9.08 -17.37
C ASP B 208 -32.47 8.84 -18.63
N LYS B 209 -31.87 9.11 -19.77
CA LYS B 209 -32.52 8.95 -21.06
C LYS B 209 -33.12 7.56 -21.26
N GLY B 210 -34.40 7.52 -21.62
CA GLY B 210 -35.09 6.26 -21.86
C GLY B 210 -35.41 5.43 -20.63
N ASP B 211 -35.06 5.94 -19.46
CA ASP B 211 -35.30 5.20 -18.22
C ASP B 211 -36.62 5.58 -17.54
N ALA B 212 -37.71 4.95 -17.96
CA ALA B 212 -39.02 5.24 -17.39
C ALA B 212 -39.07 4.90 -15.91
N LEU B 213 -38.46 3.78 -15.54
CA LEU B 213 -38.45 3.35 -14.15
C LEU B 213 -37.86 4.42 -13.24
N GLY B 214 -36.68 4.92 -13.61
CA GLY B 214 -36.03 5.94 -12.80
C GLY B 214 -36.72 7.28 -12.86
N GLN B 215 -37.39 7.55 -13.97
CA GLN B 215 -38.09 8.81 -14.11
C GLN B 215 -39.33 8.92 -13.24
N GLN B 216 -39.67 7.83 -12.55
CA GLN B 216 -40.81 7.81 -11.64
C GLN B 216 -40.43 8.55 -10.35
N TYR B 217 -39.14 8.72 -10.14
CA TYR B 217 -38.63 9.37 -8.95
C TYR B 217 -38.24 10.82 -9.17
N ARG B 218 -38.30 11.61 -8.10
CA ARG B 218 -37.91 13.01 -8.15
C ARG B 218 -36.41 12.99 -8.42
N THR B 219 -35.89 14.03 -9.05
CA THR B 219 -34.47 14.08 -9.36
C THR B 219 -33.64 14.54 -8.16
N VAL B 220 -32.35 14.28 -8.24
CA VAL B 220 -31.43 14.68 -7.19
C VAL B 220 -31.51 16.18 -6.98
N ASP B 221 -31.44 16.92 -8.08
CA ASP B 221 -31.51 18.38 -8.00
C ASP B 221 -32.80 18.84 -7.36
N ASP B 222 -33.91 18.19 -7.70
CA ASP B 222 -35.21 18.55 -7.15
C ASP B 222 -35.24 18.43 -5.62
N VAL B 223 -34.84 17.27 -5.10
CA VAL B 223 -34.88 17.07 -3.66
C VAL B 223 -33.85 17.89 -2.88
N VAL B 224 -32.63 17.96 -3.38
CA VAL B 224 -31.60 18.73 -2.68
C VAL B 224 -31.95 20.21 -2.74
N SER B 225 -32.43 20.65 -3.89
CA SER B 225 -32.81 22.05 -4.07
C SER B 225 -33.90 22.46 -3.08
N THR B 226 -34.73 21.50 -2.69
CA THR B 226 -35.83 21.80 -1.78
C THR B 226 -35.64 21.42 -0.30
N GLY B 227 -34.39 21.28 0.14
CA GLY B 227 -34.18 20.97 1.54
C GLY B 227 -33.57 19.65 1.97
N SER B 228 -33.48 18.68 1.06
CA SER B 228 -32.89 17.39 1.44
C SER B 228 -31.39 17.55 1.65
N ASP B 229 -30.89 16.97 2.74
CA ASP B 229 -29.46 17.03 3.07
C ASP B 229 -28.70 15.81 2.56
N ILE B 230 -29.38 14.68 2.55
CA ILE B 230 -28.80 13.43 2.10
C ILE B 230 -29.75 12.74 1.15
N ILE B 231 -29.23 12.26 0.02
CA ILE B 231 -30.06 11.54 -0.93
C ILE B 231 -29.84 10.05 -0.68
N ILE B 232 -30.95 9.33 -0.48
CA ILE B 232 -30.87 7.88 -0.25
C ILE B 232 -31.25 7.21 -1.56
N VAL B 233 -30.25 6.60 -2.20
CA VAL B 233 -30.45 5.95 -3.49
C VAL B 233 -30.39 4.44 -3.34
N GLY B 234 -31.32 3.76 -4.01
CA GLY B 234 -31.40 2.31 -3.93
C GLY B 234 -30.87 1.53 -5.12
N ARG B 235 -31.75 0.74 -5.74
CA ARG B 235 -31.42 -0.09 -6.89
C ARG B 235 -30.76 0.65 -8.04
N GLY B 236 -30.97 1.95 -8.14
CA GLY B 236 -30.38 2.71 -9.22
C GLY B 236 -28.86 2.69 -9.18
N LEU B 237 -28.29 2.20 -8.09
CA LEU B 237 -26.86 2.14 -7.92
C LEU B 237 -26.25 0.81 -8.38
N PHE B 238 -27.04 -0.26 -8.43
CA PHE B 238 -26.46 -1.54 -8.78
C PHE B 238 -27.30 -2.53 -9.60
N ALA B 239 -28.60 -2.33 -9.66
CA ALA B 239 -29.47 -3.23 -10.42
C ALA B 239 -29.25 -3.11 -11.93
N LYS B 240 -29.84 -4.03 -12.68
CA LYS B 240 -29.76 -4.03 -14.13
C LYS B 240 -28.33 -4.07 -14.69
N GLY B 241 -27.43 -4.76 -13.98
CA GLY B 241 -26.06 -4.87 -14.44
C GLY B 241 -25.22 -3.61 -14.35
N ARG B 242 -25.67 -2.63 -13.56
CA ARG B 242 -24.93 -1.38 -13.40
C ARG B 242 -23.63 -1.60 -12.63
N ASP B 243 -22.68 -0.68 -12.81
CA ASP B 243 -21.39 -0.74 -12.11
C ASP B 243 -21.54 0.18 -10.90
N ALA B 244 -21.67 -0.43 -9.72
CA ALA B 244 -21.87 0.31 -8.47
C ALA B 244 -20.92 1.48 -8.23
N LYS B 245 -19.63 1.31 -8.52
CA LYS B 245 -18.69 2.39 -8.31
C LYS B 245 -18.97 3.55 -9.27
N VAL B 246 -19.28 3.22 -10.51
CA VAL B 246 -19.60 4.23 -11.53
C VAL B 246 -20.85 4.99 -11.12
N GLU B 247 -21.91 4.25 -10.79
CA GLU B 247 -23.16 4.88 -10.40
C GLU B 247 -22.98 5.66 -9.11
N GLY B 248 -22.17 5.14 -8.19
CA GLY B 248 -21.92 5.82 -6.94
C GLY B 248 -21.34 7.21 -7.19
N GLU B 249 -20.40 7.28 -8.13
CA GLU B 249 -19.79 8.56 -8.46
C GLU B 249 -20.81 9.49 -9.14
N ARG B 250 -21.63 8.93 -10.04
CA ARG B 250 -22.63 9.71 -10.75
C ARG B 250 -23.58 10.40 -9.76
N TYR B 251 -24.11 9.63 -8.82
CA TYR B 251 -25.03 10.19 -7.83
C TYR B 251 -24.32 11.10 -6.83
N ARG B 252 -23.09 10.77 -6.45
CA ARG B 252 -22.35 11.61 -5.51
C ARG B 252 -22.13 12.97 -6.15
N LYS B 253 -21.67 12.95 -7.40
CA LYS B 253 -21.42 14.18 -8.12
C LYS B 253 -22.69 15.02 -8.24
N ALA B 254 -23.79 14.39 -8.65
CA ALA B 254 -25.05 15.10 -8.80
C ALA B 254 -25.52 15.71 -7.48
N GLY B 255 -25.50 14.90 -6.42
CA GLY B 255 -25.93 15.39 -5.12
C GLY B 255 -25.07 16.52 -4.59
N TRP B 256 -23.76 16.41 -4.77
CA TRP B 256 -22.86 17.46 -4.27
C TRP B 256 -23.02 18.74 -5.06
N GLU B 257 -23.07 18.63 -6.39
CA GLU B 257 -23.23 19.80 -7.24
C GLU B 257 -24.54 20.54 -6.93
N ALA B 258 -25.62 19.79 -6.67
CA ALA B 258 -26.89 20.42 -6.33
C ALA B 258 -26.75 21.12 -4.98
N TYR B 259 -26.03 20.48 -4.04
CA TYR B 259 -25.82 21.07 -2.73
C TYR B 259 -25.06 22.40 -2.84
N LEU B 260 -24.00 22.42 -3.64
CA LEU B 260 -23.22 23.65 -3.80
C LEU B 260 -24.06 24.74 -4.45
N ARG B 261 -24.94 24.32 -5.33
CA ARG B 261 -25.84 25.24 -6.03
C ARG B 261 -26.75 25.90 -5.00
N ARG B 262 -27.12 25.12 -3.98
CA ARG B 262 -27.99 25.61 -2.91
C ARG B 262 -27.24 26.56 -1.99
N LYS C 3 -3.35 11.58 -5.35
CA LYS C 3 -3.87 12.77 -4.60
C LYS C 3 -5.01 13.43 -5.36
N ALA C 4 -5.81 14.22 -4.64
CA ALA C 4 -6.90 14.96 -5.26
C ALA C 4 -6.26 16.13 -5.98
N THR C 5 -7.03 16.86 -6.79
CA THR C 5 -6.49 18.03 -7.50
C THR C 5 -6.31 19.16 -6.49
N TYR C 6 -5.56 20.20 -6.85
CA TYR C 6 -5.37 21.32 -5.94
C TYR C 6 -6.74 21.94 -5.63
N LYS C 7 -7.60 22.03 -6.64
CA LYS C 7 -8.93 22.59 -6.46
C LYS C 7 -9.74 21.77 -5.43
N GLU C 8 -9.66 20.46 -5.54
CA GLU C 8 -10.38 19.59 -4.62
C GLU C 8 -9.82 19.72 -3.21
N ARG C 9 -8.50 19.75 -3.10
CA ARG C 9 -7.87 19.86 -1.79
C ARG C 9 -8.22 21.20 -1.11
N ALA C 10 -8.41 22.24 -1.90
CA ALA C 10 -8.75 23.55 -1.34
C ALA C 10 -10.13 23.50 -0.69
N ALA C 11 -11.01 22.70 -1.27
CA ALA C 11 -12.38 22.57 -0.77
C ALA C 11 -12.53 21.68 0.47
N THR C 12 -11.55 20.82 0.73
CA THR C 12 -11.63 19.91 1.85
C THR C 12 -10.61 20.12 2.97
N HIS C 13 -9.52 20.81 2.68
CA HIS C 13 -8.47 20.99 3.69
C HIS C 13 -8.92 21.63 4.99
N PRO C 14 -8.47 21.07 6.13
CA PRO C 14 -8.85 21.63 7.44
C PRO C 14 -8.17 22.96 7.77
N SER C 15 -7.05 23.25 7.12
CA SER C 15 -6.33 24.50 7.36
C SER C 15 -6.69 25.60 6.38
N PRO C 16 -7.20 26.74 6.88
CA PRO C 16 -7.57 27.84 6.00
C PRO C 16 -6.42 28.37 5.13
N VAL C 17 -5.20 28.37 5.65
CA VAL C 17 -4.06 28.86 4.87
C VAL C 17 -3.75 27.89 3.73
N ALA C 18 -3.84 26.59 4.02
CA ALA C 18 -3.59 25.59 3.00
C ALA C 18 -4.66 25.71 1.93
N ALA C 19 -5.91 25.86 2.34
CA ALA C 19 -7.01 25.99 1.38
C ALA C 19 -6.78 27.21 0.49
N LYS C 20 -6.32 28.31 1.10
CA LYS C 20 -6.07 29.52 0.35
C LYS C 20 -4.95 29.29 -0.66
N LEU C 21 -3.93 28.56 -0.25
CA LEU C 21 -2.80 28.30 -1.14
C LEU C 21 -3.21 27.39 -2.30
N PHE C 22 -3.93 26.32 -2.00
CA PHE C 22 -4.39 25.40 -3.04
C PHE C 22 -5.25 26.14 -4.06
N ASN C 23 -6.08 27.06 -3.58
CA ASN C 23 -6.95 27.82 -4.45
C ASN C 23 -6.12 28.70 -5.39
N ILE C 24 -5.09 29.33 -4.85
CA ILE C 24 -4.20 30.18 -5.66
C ILE C 24 -3.55 29.33 -6.75
N MET C 25 -3.07 28.16 -6.38
CA MET C 25 -2.41 27.27 -7.32
C MET C 25 -3.36 26.90 -8.45
N HIS C 26 -4.60 26.56 -8.10
CA HIS C 26 -5.59 26.20 -9.10
C HIS C 26 -5.91 27.37 -10.03
N GLU C 27 -6.22 28.52 -9.45
CA GLU C 27 -6.59 29.69 -10.24
C GLU C 27 -5.50 30.23 -11.16
N LYS C 28 -4.27 30.28 -10.67
CA LYS C 28 -3.15 30.80 -11.44
C LYS C 28 -2.38 29.76 -12.23
N GLN C 29 -2.80 28.50 -12.13
CA GLN C 29 -2.13 27.41 -12.83
C GLN C 29 -0.64 27.43 -12.52
N THR C 30 -0.32 27.42 -11.23
CA THR C 30 1.07 27.42 -10.81
C THR C 30 1.29 26.70 -9.49
N ASN C 31 2.39 25.95 -9.43
CA ASN C 31 2.75 25.27 -8.19
C ASN C 31 4.21 25.67 -7.90
N LEU C 32 4.60 26.83 -8.44
CA LEU C 32 5.95 27.36 -8.26
C LEU C 32 6.11 28.30 -7.07
N CYS C 33 7.13 28.02 -6.27
CA CYS C 33 7.49 28.87 -5.14
C CYS C 33 8.85 29.46 -5.48
N ALA C 34 8.97 30.77 -5.42
CA ALA C 34 10.23 31.44 -5.71
C ALA C 34 10.94 31.69 -4.37
N SER C 35 12.14 31.14 -4.24
CA SER C 35 12.94 31.30 -3.01
C SER C 35 13.97 32.36 -3.31
N LEU C 36 13.81 33.53 -2.70
CA LEU C 36 14.71 34.65 -2.97
C LEU C 36 15.59 35.02 -1.80
N ASP C 37 16.90 34.84 -1.99
CA ASP C 37 17.87 35.16 -0.96
C ASP C 37 18.75 36.28 -1.49
N VAL C 38 18.31 37.51 -1.29
CA VAL C 38 19.05 38.68 -1.74
C VAL C 38 19.42 39.56 -0.56
N ARG C 39 20.39 40.44 -0.77
CA ARG C 39 20.87 41.31 0.29
C ARG C 39 20.04 42.56 0.57
N THR C 40 19.40 43.11 -0.44
CA THR C 40 18.63 44.34 -0.26
C THR C 40 17.15 44.25 -0.57
N THR C 41 16.38 45.09 0.12
CA THR C 41 14.95 45.15 -0.07
C THR C 41 14.65 45.53 -1.52
N LYS C 42 15.44 46.45 -2.07
CA LYS C 42 15.25 46.89 -3.45
C LYS C 42 15.32 45.70 -4.41
N GLU C 43 16.33 44.85 -4.26
CA GLU C 43 16.47 43.69 -5.13
C GLU C 43 15.29 42.76 -4.93
N LEU C 44 14.90 42.56 -3.67
CA LEU C 44 13.78 41.68 -3.34
C LEU C 44 12.50 42.12 -4.03
N LEU C 45 12.13 43.38 -3.83
CA LEU C 45 10.90 43.89 -4.43
C LEU C 45 10.91 43.84 -5.96
N GLU C 46 12.07 44.06 -6.55
CA GLU C 46 12.18 44.02 -8.01
C GLU C 46 11.87 42.60 -8.50
N LEU C 47 12.46 41.61 -7.86
CA LEU C 47 12.24 40.21 -8.25
C LEU C 47 10.81 39.77 -8.00
N VAL C 48 10.23 40.18 -6.87
CA VAL C 48 8.85 39.80 -6.55
C VAL C 48 7.88 40.37 -7.57
N GLU C 49 8.15 41.60 -7.99
CA GLU C 49 7.33 42.28 -8.99
C GLU C 49 7.28 41.45 -10.28
N ALA C 50 8.44 40.98 -10.70
CA ALA C 50 8.56 40.19 -11.93
C ALA C 50 8.03 38.77 -11.84
N LEU C 51 8.10 38.17 -10.66
CA LEU C 51 7.66 36.80 -10.46
C LEU C 51 6.23 36.64 -9.96
N GLY C 52 5.69 37.71 -9.38
CA GLY C 52 4.35 37.68 -8.82
C GLY C 52 3.29 36.91 -9.59
N PRO C 53 3.10 37.22 -10.88
CA PRO C 53 2.10 36.54 -11.71
C PRO C 53 2.30 35.04 -11.90
N LYS C 54 3.55 34.59 -11.74
CA LYS C 54 3.86 33.18 -11.98
C LYS C 54 4.03 32.27 -10.77
N ILE C 55 3.91 32.81 -9.57
CA ILE C 55 4.11 31.99 -8.37
C ILE C 55 2.89 31.90 -7.46
N CYS C 56 2.87 30.86 -6.63
CA CYS C 56 1.80 30.67 -5.67
C CYS C 56 2.34 31.03 -4.29
N LEU C 57 3.65 31.05 -4.18
CA LEU C 57 4.31 31.31 -2.90
C LEU C 57 5.68 31.94 -3.04
N LEU C 58 5.99 32.86 -2.14
CA LEU C 58 7.29 33.52 -2.14
C LEU C 58 8.00 33.16 -0.84
N LYS C 59 9.19 32.58 -0.96
CA LYS C 59 9.95 32.26 0.24
C LYS C 59 10.98 33.36 0.47
N THR C 60 10.79 34.10 1.55
CA THR C 60 11.68 35.20 1.91
C THR C 60 12.80 34.72 2.82
N HIS C 61 13.86 35.52 2.91
CA HIS C 61 15.00 35.22 3.77
C HIS C 61 15.38 36.55 4.43
N VAL C 62 14.55 36.98 5.38
CA VAL C 62 14.78 38.27 6.04
C VAL C 62 16.06 38.43 6.83
N ASP C 63 16.61 37.33 7.33
CA ASP C 63 17.83 37.41 8.12
C ASP C 63 19.07 37.86 7.38
N ILE C 64 19.06 37.76 6.05
CA ILE C 64 20.23 38.19 5.29
C ILE C 64 20.03 39.56 4.66
N LEU C 65 18.85 40.14 4.84
CA LEU C 65 18.61 41.47 4.31
C LEU C 65 19.41 42.44 5.16
N THR C 66 20.02 43.44 4.53
CA THR C 66 20.80 44.42 5.26
C THR C 66 19.97 45.63 5.62
N ASP C 67 18.79 45.74 4.99
CA ASP C 67 17.91 46.88 5.22
C ASP C 67 16.45 46.51 5.47
N PHE C 68 16.21 45.46 6.24
CA PHE C 68 14.83 45.07 6.54
C PHE C 68 14.14 46.10 7.43
N SER C 69 12.87 46.35 7.14
CA SER C 69 12.05 47.27 7.94
C SER C 69 10.59 46.94 7.66
N MET C 70 9.74 47.11 8.67
CA MET C 70 8.32 46.82 8.50
C MET C 70 7.72 47.71 7.43
N GLU C 71 8.09 48.98 7.42
CA GLU C 71 7.55 49.92 6.45
C GLU C 71 8.16 49.84 5.06
N GLY C 72 9.45 49.55 4.98
CA GLY C 72 10.12 49.48 3.69
C GLY C 72 10.18 48.11 3.03
N THR C 73 10.06 47.05 3.82
CA THR C 73 10.12 45.70 3.29
C THR C 73 8.77 44.99 3.35
N VAL C 74 8.24 44.83 4.55
CA VAL C 74 6.97 44.13 4.73
C VAL C 74 5.77 44.83 4.08
N LYS C 75 5.63 46.13 4.26
CA LYS C 75 4.50 46.84 3.68
C LYS C 75 4.42 46.64 2.16
N PRO C 76 5.50 46.95 1.43
CA PRO C 76 5.42 46.75 -0.02
C PRO C 76 5.31 45.27 -0.44
N LEU C 77 5.85 44.39 0.40
CA LEU C 77 5.78 42.96 0.11
C LEU C 77 4.34 42.48 0.22
N LYS C 78 3.63 42.97 1.23
CA LYS C 78 2.22 42.60 1.41
C LYS C 78 1.38 43.13 0.27
N ALA C 79 1.73 44.33 -0.21
CA ALA C 79 1.01 44.93 -1.32
C ALA C 79 1.16 44.07 -2.57
N LEU C 80 2.37 43.57 -2.80
CA LEU C 80 2.64 42.72 -3.95
C LEU C 80 1.88 41.39 -3.83
N SER C 81 1.88 40.85 -2.62
CA SER C 81 1.18 39.60 -2.34
C SER C 81 -0.29 39.73 -2.69
N ALA C 82 -0.88 40.87 -2.35
CA ALA C 82 -2.29 41.12 -2.62
C ALA C 82 -2.52 41.38 -4.10
N LYS C 83 -1.65 42.19 -4.70
CA LYS C 83 -1.77 42.55 -6.10
C LYS C 83 -1.66 41.36 -7.06
N TYR C 84 -0.67 40.51 -6.82
CA TYR C 84 -0.43 39.35 -7.67
C TYR C 84 -0.99 38.03 -7.16
N ASN C 85 -1.55 38.05 -5.96
CA ASN C 85 -2.16 36.87 -5.36
C ASN C 85 -1.23 35.67 -5.15
N PHE C 86 -0.40 35.77 -4.12
CA PHE C 86 0.51 34.71 -3.73
C PHE C 86 0.72 34.85 -2.23
N LEU C 87 1.17 33.79 -1.57
CA LEU C 87 1.38 33.85 -0.13
C LEU C 87 2.84 34.06 0.22
N LEU C 88 3.08 34.41 1.47
CA LEU C 88 4.43 34.66 1.98
C LEU C 88 4.87 33.54 2.92
N PHE C 89 6.08 33.04 2.68
CA PHE C 89 6.68 31.98 3.48
C PHE C 89 8.08 32.42 3.90
N GLU C 90 8.28 32.68 5.18
CA GLU C 90 9.60 33.11 5.65
C GLU C 90 10.49 31.94 5.99
N ASN C 91 11.74 32.04 5.57
CA ASN C 91 12.74 31.00 5.77
C ASN C 91 13.04 30.57 7.20
N ARG C 92 13.14 31.53 8.13
CA ARG C 92 13.54 31.25 9.51
C ARG C 92 13.15 29.85 10.00
N LYS C 93 14.15 29.02 10.22
CA LYS C 93 13.92 27.65 10.64
C LYS C 93 13.83 27.57 12.16
N PHE C 94 12.62 27.76 12.67
CA PHE C 94 12.40 27.73 14.11
C PHE C 94 12.85 26.42 14.73
N ALA C 95 13.49 26.51 15.89
CA ALA C 95 14.01 25.31 16.53
C ALA C 95 14.14 25.45 18.04
N ASP C 96 13.07 25.94 18.68
CA ASP C 96 13.05 26.07 20.12
C ASP C 96 11.60 25.93 20.54
N ILE C 97 11.33 26.00 21.84
CA ILE C 97 9.96 25.88 22.31
C ILE C 97 9.66 26.95 23.36
N GLY C 98 8.45 26.94 23.88
CA GLY C 98 8.08 27.90 24.89
C GLY C 98 8.04 29.36 24.48
N ASN C 99 8.19 30.26 25.44
CA ASN C 99 8.17 31.69 25.16
C ASN C 99 9.27 32.10 24.21
N THR C 100 10.40 31.39 24.25
CA THR C 100 11.50 31.73 23.35
C THR C 100 11.06 31.63 21.90
N VAL C 101 10.52 30.48 21.51
CA VAL C 101 10.10 30.32 20.13
C VAL C 101 8.89 31.19 19.77
N LYS C 102 8.00 31.42 20.73
CA LYS C 102 6.83 32.26 20.47
C LYS C 102 7.26 33.68 20.13
N LEU C 103 8.22 34.20 20.89
CA LEU C 103 8.72 35.55 20.68
C LEU C 103 9.63 35.67 19.46
N GLN C 104 10.34 34.60 19.12
CA GLN C 104 11.20 34.65 17.94
C GLN C 104 10.29 34.75 16.71
N TYR C 105 9.10 34.18 16.81
CA TYR C 105 8.14 34.18 15.72
C TYR C 105 7.24 35.43 15.67
N SER C 106 6.81 35.90 16.85
CA SER C 106 5.90 37.03 16.92
C SER C 106 6.51 38.42 17.11
N ALA C 107 7.65 38.49 17.78
CA ALA C 107 8.27 39.78 18.07
C ALA C 107 9.59 40.08 17.39
N GLY C 108 10.48 40.76 18.11
CA GLY C 108 11.76 41.13 17.55
C GLY C 108 11.51 42.20 16.51
N VAL C 109 12.52 42.52 15.70
CA VAL C 109 12.35 43.54 14.68
C VAL C 109 11.59 42.96 13.49
N TYR C 110 11.68 41.66 13.29
CA TYR C 110 11.05 41.02 12.15
C TYR C 110 9.55 40.76 12.27
N ARG C 111 9.06 40.52 13.48
CA ARG C 111 7.63 40.28 13.72
C ARG C 111 7.04 39.39 12.64
N ILE C 112 7.72 38.28 12.37
CA ILE C 112 7.33 37.35 11.32
C ILE C 112 5.86 36.91 11.31
N ALA C 113 5.28 36.62 12.46
CA ALA C 113 3.90 36.17 12.54
C ALA C 113 2.90 37.21 12.02
N GLU C 114 3.30 38.48 12.06
CA GLU C 114 2.43 39.53 11.59
C GLU C 114 2.20 39.55 10.08
N TRP C 115 3.15 39.00 9.33
CA TRP C 115 3.03 39.01 7.87
C TRP C 115 3.24 37.70 7.11
N ALA C 116 3.96 36.75 7.69
CA ALA C 116 4.22 35.48 7.00
C ALA C 116 3.06 34.50 7.13
N ASP C 117 2.41 34.21 6.00
CA ASP C 117 1.28 33.27 5.99
C ASP C 117 1.74 31.91 6.45
N ILE C 118 2.92 31.53 5.99
CA ILE C 118 3.50 30.21 6.29
C ILE C 118 4.92 30.32 6.83
N THR C 119 5.22 29.45 7.79
CA THR C 119 6.55 29.39 8.38
C THR C 119 6.93 27.92 8.46
N ASN C 120 8.16 27.63 8.88
CA ASN C 120 8.58 26.24 9.02
C ASN C 120 9.37 26.01 10.29
N ALA C 121 9.36 24.76 10.75
CA ALA C 121 10.04 24.40 11.97
C ALA C 121 10.75 23.06 11.92
N HIS C 122 11.82 22.95 12.70
CA HIS C 122 12.56 21.70 12.82
C HIS C 122 11.81 20.92 13.89
N GLY C 123 11.50 19.66 13.61
CA GLY C 123 10.78 18.86 14.59
C GLY C 123 11.64 18.30 15.71
N VAL C 124 12.95 18.45 15.62
CA VAL C 124 13.85 17.89 16.63
C VAL C 124 13.49 18.24 18.07
N VAL C 125 12.95 19.43 18.29
CA VAL C 125 12.60 19.85 19.65
C VAL C 125 11.30 19.26 20.19
N GLY C 126 10.57 18.51 19.37
CA GLY C 126 9.33 17.93 19.82
C GLY C 126 8.09 18.75 19.47
N PRO C 127 6.89 18.21 19.73
CA PRO C 127 5.62 18.87 19.45
C PRO C 127 5.42 20.24 20.08
N GLY C 128 6.24 20.56 21.07
CA GLY C 128 6.13 21.86 21.71
C GLY C 128 6.33 23.00 20.73
N ILE C 129 7.04 22.74 19.63
CA ILE C 129 7.25 23.80 18.66
C ILE C 129 5.97 24.06 17.87
N VAL C 130 5.17 23.01 17.66
CA VAL C 130 3.91 23.16 16.95
C VAL C 130 2.90 23.90 17.82
N SER C 131 2.70 23.41 19.05
CA SER C 131 1.74 24.06 19.94
C SER C 131 2.15 25.49 20.29
N GLY C 132 3.45 25.72 20.43
CA GLY C 132 3.94 27.04 20.74
C GLY C 132 3.73 28.03 19.61
N LEU C 133 4.12 27.65 18.39
CA LEU C 133 3.95 28.52 17.24
C LEU C 133 2.46 28.75 16.95
N LYS C 134 1.64 27.72 17.19
CA LYS C 134 0.20 27.81 16.95
C LYS C 134 -0.39 28.85 17.89
N GLN C 135 0.01 28.79 19.15
CA GLN C 135 -0.48 29.73 20.14
C GLN C 135 -0.08 31.15 19.78
N ALA C 136 1.19 31.32 19.39
CA ALA C 136 1.69 32.63 19.02
C ALA C 136 0.92 33.18 17.83
N ALA C 137 0.68 32.35 16.83
CA ALA C 137 -0.04 32.77 15.65
C ALA C 137 -1.44 33.29 16.02
N GLU C 138 -2.14 32.53 16.86
CA GLU C 138 -3.49 32.91 17.27
C GLU C 138 -3.53 34.21 18.08
N GLU C 139 -2.51 34.42 18.89
CA GLU C 139 -2.45 35.63 19.72
C GLU C 139 -2.07 36.87 18.93
N VAL C 140 -1.35 36.67 17.83
CA VAL C 140 -0.89 37.78 16.99
C VAL C 140 -1.87 38.26 15.91
N THR C 141 -2.58 37.35 15.28
CA THR C 141 -3.48 37.73 14.20
C THR C 141 -4.66 36.78 14.01
N LYS C 142 -5.69 37.30 13.35
CA LYS C 142 -6.90 36.54 13.04
C LYS C 142 -6.72 35.91 11.65
N GLU C 143 -5.72 36.39 10.92
CA GLU C 143 -5.44 35.88 9.59
C GLU C 143 -4.94 34.44 9.62
N PRO C 144 -5.27 33.66 8.58
CA PRO C 144 -4.84 32.26 8.50
C PRO C 144 -3.33 32.13 8.57
N ARG C 145 -2.86 31.20 9.41
CA ARG C 145 -1.44 30.95 9.57
C ARG C 145 -1.20 29.44 9.54
N GLY C 146 -0.08 29.03 8.95
CA GLY C 146 0.22 27.62 8.87
C GLY C 146 1.70 27.32 9.02
N LEU C 147 1.97 26.06 9.33
CA LEU C 147 3.33 25.61 9.58
C LEU C 147 3.74 24.37 8.80
N LEU C 148 4.96 24.41 8.26
CA LEU C 148 5.53 23.28 7.53
C LEU C 148 6.61 22.69 8.43
N MET C 149 6.71 21.37 8.49
CA MET C 149 7.78 20.77 9.29
C MET C 149 8.91 20.44 8.32
N LEU C 150 10.15 20.66 8.77
CA LEU C 150 11.33 20.38 7.95
C LEU C 150 11.65 18.91 8.12
N ALA C 151 10.94 18.08 7.35
CA ALA C 151 11.08 16.63 7.42
C ALA C 151 12.32 16.06 6.74
N GLU C 152 12.73 16.69 5.64
CA GLU C 152 13.91 16.26 4.91
C GLU C 152 14.68 17.46 4.40
N LEU C 153 15.90 17.64 4.91
CA LEU C 153 16.76 18.75 4.52
C LEU C 153 17.65 18.38 3.34
N SER C 154 18.19 19.38 2.67
CA SER C 154 19.04 19.14 1.51
C SER C 154 20.51 19.44 1.74
N CYS C 155 20.84 20.05 2.87
CA CYS C 155 22.23 20.39 3.17
C CYS C 155 23.08 19.15 3.43
N LYS C 156 24.36 19.25 3.10
CA LYS C 156 25.29 18.14 3.27
C LYS C 156 25.42 17.69 4.71
N GLY C 157 25.36 16.37 4.90
CA GLY C 157 25.48 15.80 6.23
C GLY C 157 24.29 15.98 7.13
N SER C 158 23.15 16.40 6.58
CA SER C 158 21.96 16.59 7.40
C SER C 158 21.54 15.28 8.06
N LEU C 159 20.92 15.39 9.24
CA LEU C 159 20.49 14.22 10.00
C LEU C 159 18.99 13.95 9.90
N ALA C 160 18.32 14.64 8.98
CA ALA C 160 16.88 14.46 8.80
C ALA C 160 16.59 13.25 7.94
N THR C 161 16.92 12.08 8.49
CA THR C 161 16.70 10.83 7.76
C THR C 161 16.14 9.77 8.68
N GLY C 162 15.67 8.68 8.07
CA GLY C 162 15.13 7.58 8.82
C GLY C 162 14.14 7.91 9.92
N GLU C 163 14.51 7.55 11.15
CA GLU C 163 13.67 7.76 12.30
C GLU C 163 13.31 9.23 12.53
N TYR C 164 14.22 10.14 12.15
CA TYR C 164 13.96 11.57 12.33
C TYR C 164 12.79 12.00 11.48
N THR C 165 12.80 11.61 10.21
CA THR C 165 11.72 11.98 9.31
C THR C 165 10.41 11.34 9.79
N LYS C 166 10.49 10.09 10.23
CA LYS C 166 9.31 9.41 10.73
C LYS C 166 8.75 10.16 11.94
N GLY C 167 9.64 10.57 12.84
CA GLY C 167 9.22 11.29 14.03
C GLY C 167 8.63 12.66 13.70
N THR C 168 9.15 13.28 12.65
CA THR C 168 8.64 14.58 12.24
C THR C 168 7.23 14.44 11.70
N VAL C 169 6.97 13.38 10.94
CA VAL C 169 5.64 13.17 10.41
C VAL C 169 4.66 12.93 11.56
N ASP C 170 5.11 12.20 12.57
CA ASP C 170 4.26 11.91 13.73
C ASP C 170 3.90 13.20 14.46
N ILE C 171 4.86 14.12 14.56
CA ILE C 171 4.60 15.40 15.21
C ILE C 171 3.58 16.18 14.40
N ALA C 172 3.67 16.09 13.08
CA ALA C 172 2.74 16.78 12.21
C ALA C 172 1.31 16.32 12.48
N LYS C 173 1.15 15.03 12.75
CA LYS C 173 -0.17 14.45 13.01
C LYS C 173 -0.83 15.00 14.25
N SER C 174 -0.06 15.68 15.11
CA SER C 174 -0.62 16.24 16.34
C SER C 174 -1.55 17.42 16.08
N ASP C 175 -1.45 18.03 14.90
CA ASP C 175 -2.29 19.18 14.61
C ASP C 175 -2.50 19.39 13.12
N LYS C 176 -3.56 18.81 12.57
CA LYS C 176 -3.82 18.97 11.15
C LYS C 176 -4.39 20.34 10.82
N ASP C 177 -4.81 21.08 11.83
CA ASP C 177 -5.35 22.41 11.59
C ASP C 177 -4.26 23.43 11.35
N PHE C 178 -3.12 23.23 12.00
CA PHE C 178 -2.00 24.17 11.90
C PHE C 178 -0.82 23.66 11.06
N VAL C 179 -0.49 22.38 11.16
CA VAL C 179 0.63 21.85 10.38
C VAL C 179 0.07 21.44 9.03
N ILE C 180 0.39 22.22 8.00
CA ILE C 180 -0.13 22.00 6.66
C ILE C 180 0.69 21.10 5.74
N GLY C 181 1.89 20.74 6.17
CA GLY C 181 2.71 19.89 5.34
C GLY C 181 4.17 19.89 5.71
N PHE C 182 5.01 19.58 4.73
CA PHE C 182 6.44 19.48 4.94
C PHE C 182 7.30 20.04 3.84
N ILE C 183 8.54 20.33 4.22
CA ILE C 183 9.58 20.71 3.27
C ILE C 183 10.17 19.29 3.22
N ALA C 184 10.07 18.64 2.07
CA ALA C 184 10.59 17.28 1.95
C ALA C 184 10.92 16.97 0.50
N GLN C 185 11.54 15.83 0.27
CA GLN C 185 11.92 15.42 -1.08
C GLN C 185 11.04 14.33 -1.66
N ARG C 186 10.10 13.83 -0.87
CA ARG C 186 9.22 12.76 -1.33
C ARG C 186 7.89 12.81 -0.61
N ASP C 187 6.93 12.05 -1.13
CA ASP C 187 5.60 11.97 -0.52
C ASP C 187 5.78 11.41 0.88
N MET C 188 4.99 11.92 1.83
CA MET C 188 5.07 11.49 3.22
C MET C 188 3.85 10.66 3.64
N GLY C 189 3.05 10.23 2.67
CA GLY C 189 1.88 9.44 2.97
C GLY C 189 0.82 10.23 3.72
N GLY C 190 0.11 9.58 4.64
CA GLY C 190 -0.90 10.25 5.43
C GLY C 190 -2.33 10.19 4.95
N ARG C 191 -2.53 9.95 3.65
CA ARG C 191 -3.89 9.90 3.09
C ARG C 191 -4.81 8.85 3.72
N ASP C 192 -4.28 7.67 4.01
CA ASP C 192 -5.11 6.63 4.63
C ASP C 192 -5.49 7.00 6.05
N GLU C 193 -4.75 7.94 6.65
CA GLU C 193 -5.01 8.35 8.02
C GLU C 193 -5.82 9.65 8.11
N GLY C 194 -6.21 10.20 6.96
CA GLY C 194 -7.01 11.42 6.97
C GLY C 194 -6.22 12.71 6.90
N TYR C 195 -4.94 12.62 6.57
CA TYR C 195 -4.11 13.81 6.46
C TYR C 195 -3.89 14.16 5.00
N ASP C 196 -3.86 15.46 4.70
CA ASP C 196 -3.63 15.94 3.35
C ASP C 196 -2.48 16.94 3.46
N TRP C 197 -1.27 16.42 3.37
CA TRP C 197 -0.10 17.28 3.52
C TRP C 197 0.47 17.89 2.25
N LEU C 198 0.78 19.18 2.34
CA LEU C 198 1.41 19.87 1.23
C LEU C 198 2.87 19.44 1.25
N ILE C 199 3.37 19.02 0.09
CA ILE C 199 4.77 18.62 -0.02
C ILE C 199 5.47 19.67 -0.87
N MET C 200 6.34 20.45 -0.24
CA MET C 200 7.10 21.49 -0.95
C MET C 200 8.53 21.03 -1.04
N THR C 201 9.05 21.00 -2.26
CA THR C 201 10.38 20.50 -2.51
C THR C 201 11.38 21.46 -3.12
N PRO C 202 12.48 21.74 -2.40
CA PRO C 202 13.52 22.66 -2.89
C PRO C 202 14.58 21.88 -3.67
N GLY C 203 15.51 22.61 -4.28
CA GLY C 203 16.56 21.96 -5.04
C GLY C 203 16.08 21.35 -6.34
N VAL C 204 15.22 22.08 -7.05
CA VAL C 204 14.66 21.60 -8.30
C VAL C 204 15.26 22.33 -9.51
N GLY C 205 15.54 21.58 -10.57
CA GLY C 205 16.12 22.16 -11.77
C GLY C 205 15.56 21.59 -13.05
N ARG C 218 17.42 17.62 -8.82
CA ARG C 218 16.36 16.82 -9.42
C ARG C 218 15.53 17.68 -10.37
N THR C 219 14.97 17.07 -11.40
CA THR C 219 14.18 17.81 -12.37
C THR C 219 12.75 18.02 -11.87
N VAL C 220 12.08 18.98 -12.50
CA VAL C 220 10.70 19.29 -12.15
C VAL C 220 9.82 18.07 -12.33
N ASP C 221 9.91 17.42 -13.49
CA ASP C 221 9.12 16.24 -13.77
C ASP C 221 9.37 15.16 -12.72
N ASP C 222 10.63 15.02 -12.34
CA ASP C 222 11.02 14.02 -11.35
C ASP C 222 10.30 14.23 -10.01
N VAL C 223 10.48 15.38 -9.39
CA VAL C 223 9.86 15.64 -8.10
C VAL C 223 8.32 15.65 -8.13
N VAL C 224 7.74 16.27 -9.15
CA VAL C 224 6.28 16.33 -9.23
C VAL C 224 5.61 14.99 -9.51
N SER C 225 6.20 14.19 -10.41
CA SER C 225 5.63 12.90 -10.74
C SER C 225 5.63 11.94 -9.55
N THR C 226 6.51 12.21 -8.59
CA THR C 226 6.62 11.35 -7.41
C THR C 226 5.91 11.86 -6.16
N GLY C 227 5.11 12.93 -6.30
CA GLY C 227 4.40 13.41 -5.13
C GLY C 227 4.59 14.84 -4.65
N SER C 228 5.58 15.56 -5.18
CA SER C 228 5.77 16.94 -4.74
C SER C 228 4.63 17.82 -5.23
N ASP C 229 4.09 18.65 -4.34
CA ASP C 229 2.98 19.54 -4.69
C ASP C 229 3.44 20.90 -5.15
N ILE C 230 4.55 21.37 -4.59
CA ILE C 230 5.10 22.66 -4.94
C ILE C 230 6.60 22.53 -5.15
N ILE C 231 7.10 23.17 -6.20
CA ILE C 231 8.52 23.17 -6.48
C ILE C 231 9.09 24.49 -6.00
N ILE C 232 10.14 24.42 -5.18
CA ILE C 232 10.79 25.61 -4.65
C ILE C 232 12.06 25.83 -5.44
N VAL C 233 12.08 26.89 -6.23
CA VAL C 233 13.23 27.23 -7.08
C VAL C 233 13.86 28.52 -6.59
N GLY C 234 15.19 28.52 -6.50
CA GLY C 234 15.89 29.71 -6.03
C GLY C 234 16.63 30.49 -7.10
N ARG C 235 17.95 30.52 -6.99
CA ARG C 235 18.78 31.26 -7.93
C ARG C 235 18.62 30.89 -9.40
N GLY C 236 18.04 29.72 -9.66
CA GLY C 236 17.83 29.29 -11.03
C GLY C 236 16.82 30.19 -11.72
N LEU C 237 16.19 31.06 -10.93
CA LEU C 237 15.19 31.99 -11.45
C LEU C 237 15.74 33.39 -11.71
N PHE C 238 16.82 33.77 -11.03
CA PHE C 238 17.30 35.13 -11.16
C PHE C 238 18.81 35.36 -11.22
N ALA C 239 19.60 34.37 -10.81
CA ALA C 239 21.06 34.54 -10.82
C ALA C 239 21.68 34.44 -12.21
N LYS C 240 22.97 34.78 -12.28
CA LYS C 240 23.74 34.72 -13.52
C LYS C 240 23.15 35.47 -14.71
N GLY C 241 22.55 36.63 -14.43
CA GLY C 241 21.98 37.44 -15.50
C GLY C 241 20.65 36.96 -16.07
N ARG C 242 20.04 35.96 -15.44
CA ARG C 242 18.77 35.44 -15.90
C ARG C 242 17.65 36.47 -15.77
N ASP C 243 16.64 36.35 -16.63
CA ASP C 243 15.49 37.23 -16.61
C ASP C 243 14.44 36.53 -15.75
N ALA C 244 14.21 37.04 -14.55
CA ALA C 244 13.26 36.42 -13.63
C ALA C 244 11.86 36.22 -14.19
N LYS C 245 11.39 37.15 -15.03
CA LYS C 245 10.06 37.02 -15.60
C LYS C 245 10.05 35.82 -16.54
N VAL C 246 11.11 35.67 -17.32
CA VAL C 246 11.22 34.56 -18.25
C VAL C 246 11.37 33.22 -17.54
N GLU C 247 12.25 33.15 -16.55
CA GLU C 247 12.45 31.92 -15.79
C GLU C 247 11.21 31.52 -14.99
N GLY C 248 10.50 32.51 -14.48
CA GLY C 248 9.30 32.22 -13.71
C GLY C 248 8.28 31.48 -14.56
N GLU C 249 8.14 31.91 -15.81
CA GLU C 249 7.20 31.27 -16.73
C GLU C 249 7.69 29.87 -17.12
N ARG C 250 8.99 29.75 -17.37
CA ARG C 250 9.59 28.47 -17.76
C ARG C 250 9.34 27.41 -16.68
N TYR C 251 9.62 27.76 -15.43
CA TYR C 251 9.42 26.82 -14.34
C TYR C 251 7.95 26.59 -14.03
N ARG C 252 7.13 27.65 -14.12
CA ARG C 252 5.70 27.50 -13.86
C ARG C 252 5.11 26.53 -14.87
N LYS C 253 5.45 26.72 -16.14
CA LYS C 253 4.93 25.84 -17.18
C LYS C 253 5.37 24.39 -16.95
N ALA C 254 6.65 24.20 -16.65
CA ALA C 254 7.18 22.86 -16.41
C ALA C 254 6.46 22.19 -15.23
N GLY C 255 6.34 22.94 -14.13
CA GLY C 255 5.69 22.39 -12.95
C GLY C 255 4.21 22.09 -13.13
N TRP C 256 3.50 22.99 -13.81
CA TRP C 256 2.07 22.79 -14.02
C TRP C 256 1.82 21.62 -14.96
N GLU C 257 2.59 21.53 -16.04
CA GLU C 257 2.42 20.44 -16.99
C GLU C 257 2.68 19.09 -16.32
N ALA C 258 3.68 19.03 -15.44
CA ALA C 258 4.00 17.79 -14.75
C ALA C 258 2.84 17.41 -13.84
N TYR C 259 2.25 18.42 -13.21
CA TYR C 259 1.11 18.21 -12.33
C TYR C 259 -0.06 17.63 -13.12
N LEU C 260 -0.36 18.24 -14.27
CA LEU C 260 -1.48 17.77 -15.08
C LEU C 260 -1.29 16.31 -15.53
N ARG C 261 -0.04 15.90 -15.74
CA ARG C 261 0.24 14.53 -16.17
C ARG C 261 0.10 13.51 -15.04
N ARG C 262 0.31 13.95 -13.82
CA ARG C 262 0.21 13.09 -12.64
C ARG C 262 -1.20 12.51 -12.51
N CYS C 263 -1.28 11.26 -12.08
CA CYS C 263 -2.57 10.59 -11.91
C CYS C 263 -3.30 11.10 -10.67
N GLY C 264 -4.52 11.58 -10.87
CA GLY C 264 -5.30 12.09 -9.75
C GLY C 264 -6.19 11.04 -9.13
N GLN C 265 -6.70 11.31 -7.93
CA GLN C 265 -7.58 10.38 -7.25
C GLN C 265 -8.99 10.44 -7.86
N GLN C 266 -9.39 9.36 -8.50
CA GLN C 266 -10.71 9.30 -9.14
C GLN C 266 -11.73 8.63 -8.23
N LYS D 3 -7.47 -32.01 -25.35
CA LYS D 3 -8.05 -30.91 -24.52
C LYS D 3 -9.18 -30.22 -25.27
N ALA D 4 -9.97 -29.44 -24.52
CA ALA D 4 -11.06 -28.68 -25.09
C ALA D 4 -10.40 -27.49 -25.80
N THR D 5 -11.17 -26.73 -26.57
CA THR D 5 -10.63 -25.57 -27.26
C THR D 5 -10.47 -24.44 -26.24
N TYR D 6 -9.72 -23.40 -26.62
CA TYR D 6 -9.54 -22.27 -25.72
C TYR D 6 -10.91 -21.64 -25.42
N LYS D 7 -11.76 -21.55 -26.43
CA LYS D 7 -13.11 -20.99 -26.27
C LYS D 7 -13.90 -21.80 -25.25
N GLU D 8 -13.83 -23.12 -25.36
CA GLU D 8 -14.54 -24.00 -24.45
C GLU D 8 -14.01 -23.88 -23.03
N ARG D 9 -12.68 -23.83 -22.90
CA ARG D 9 -12.05 -23.72 -21.58
C ARG D 9 -12.40 -22.41 -20.90
N ALA D 10 -12.56 -21.35 -21.69
CA ALA D 10 -12.90 -20.05 -21.14
C ALA D 10 -14.30 -20.09 -20.52
N ALA D 11 -15.18 -20.89 -21.10
CA ALA D 11 -16.54 -21.01 -20.61
C ALA D 11 -16.71 -21.86 -19.36
N THR D 12 -15.73 -22.72 -19.09
CA THR D 12 -15.84 -23.60 -17.93
C THR D 12 -14.83 -23.40 -16.81
N HIS D 13 -13.72 -22.73 -17.10
CA HIS D 13 -12.70 -22.57 -16.08
C HIS D 13 -13.16 -21.88 -14.80
N PRO D 14 -12.73 -22.40 -13.64
CA PRO D 14 -13.10 -21.84 -12.34
C PRO D 14 -12.44 -20.51 -12.02
N SER D 15 -11.32 -20.23 -12.66
CA SER D 15 -10.59 -18.98 -12.43
C SER D 15 -10.94 -17.89 -13.44
N PRO D 16 -11.43 -16.74 -12.94
CA PRO D 16 -11.80 -15.63 -13.83
C PRO D 16 -10.64 -15.11 -14.68
N VAL D 17 -9.42 -15.15 -14.14
CA VAL D 17 -8.27 -14.67 -14.90
C VAL D 17 -7.95 -15.65 -16.03
N ALA D 18 -8.07 -16.93 -15.73
CA ALA D 18 -7.81 -17.96 -16.74
C ALA D 18 -8.85 -17.86 -17.85
N ALA D 19 -10.12 -17.68 -17.46
CA ALA D 19 -11.19 -17.56 -18.44
C ALA D 19 -10.95 -16.33 -19.32
N LYS D 20 -10.49 -15.25 -18.70
CA LYS D 20 -10.22 -14.02 -19.43
C LYS D 20 -9.10 -14.25 -20.44
N LEU D 21 -8.07 -14.99 -20.02
CA LEU D 21 -6.94 -15.28 -20.90
C LEU D 21 -7.36 -16.20 -22.04
N PHE D 22 -8.10 -17.26 -21.73
CA PHE D 22 -8.57 -18.18 -22.76
C PHE D 22 -9.42 -17.45 -23.81
N ASN D 23 -10.22 -16.49 -23.35
CA ASN D 23 -11.07 -15.73 -24.26
C ASN D 23 -10.22 -14.88 -25.20
N ILE D 24 -9.20 -14.23 -24.64
CA ILE D 24 -8.30 -13.40 -25.43
C ILE D 24 -7.65 -14.24 -26.53
N MET D 25 -7.20 -15.43 -26.16
CA MET D 25 -6.55 -16.34 -27.08
C MET D 25 -7.48 -16.72 -28.21
N HIS D 26 -8.72 -17.07 -27.87
CA HIS D 26 -9.70 -17.43 -28.88
C HIS D 26 -10.01 -16.26 -29.82
N GLU D 27 -10.30 -15.11 -29.24
CA GLU D 27 -10.66 -13.93 -30.02
C GLU D 27 -9.57 -13.35 -30.91
N LYS D 28 -8.34 -13.32 -30.41
CA LYS D 28 -7.22 -12.76 -31.18
C LYS D 28 -6.43 -13.82 -31.97
N GLN D 29 -6.88 -15.07 -31.90
CA GLN D 29 -6.23 -16.18 -32.58
C GLN D 29 -4.73 -16.21 -32.28
N THR D 30 -4.41 -16.18 -30.99
CA THR D 30 -3.02 -16.20 -30.57
C THR D 30 -2.80 -16.92 -29.25
N ASN D 31 -1.72 -17.69 -29.17
CA ASN D 31 -1.36 -18.37 -27.93
C ASN D 31 0.08 -17.97 -27.61
N LEU D 32 0.47 -16.81 -28.15
CA LEU D 32 1.82 -16.30 -27.96
C LEU D 32 2.00 -15.35 -26.77
N CYS D 33 3.03 -15.61 -25.98
CA CYS D 33 3.38 -14.77 -24.84
C CYS D 33 4.75 -14.20 -25.17
N ALA D 34 4.87 -12.88 -25.14
CA ALA D 34 6.15 -12.25 -25.42
C ALA D 34 6.85 -12.01 -24.09
N SER D 35 8.05 -12.57 -23.93
CA SER D 35 8.83 -12.42 -22.70
C SER D 35 9.89 -11.37 -22.99
N LEU D 36 9.69 -10.18 -22.43
CA LEU D 36 10.61 -9.08 -22.69
C LEU D 36 11.51 -8.73 -21.51
N ASP D 37 12.81 -8.90 -21.71
CA ASP D 37 13.79 -8.60 -20.68
C ASP D 37 14.67 -7.46 -21.22
N VAL D 38 14.25 -6.23 -20.96
CA VAL D 38 14.99 -5.06 -21.42
C VAL D 38 15.37 -4.17 -20.24
N ARG D 39 16.36 -3.31 -20.44
CA ARG D 39 16.83 -2.44 -19.38
C ARG D 39 16.01 -1.20 -19.09
N THR D 40 15.37 -0.64 -20.11
CA THR D 40 14.60 0.58 -19.92
C THR D 40 13.12 0.49 -20.25
N THR D 41 12.34 1.32 -19.55
CA THR D 41 10.91 1.38 -19.76
C THR D 41 10.63 1.78 -21.21
N LYS D 42 11.43 2.70 -21.74
CA LYS D 42 11.25 3.16 -23.11
C LYS D 42 11.29 2.00 -24.10
N GLU D 43 12.31 1.15 -23.98
CA GLU D 43 12.43 0.00 -24.87
C GLU D 43 11.27 -0.98 -24.65
N LEU D 44 10.87 -1.13 -23.39
CA LEU D 44 9.77 -2.04 -23.07
C LEU D 44 8.46 -1.58 -23.73
N LEU D 45 8.12 -0.31 -23.54
CA LEU D 45 6.88 0.21 -24.11
C LEU D 45 6.90 0.16 -25.63
N GLU D 46 8.06 0.38 -26.22
CA GLU D 46 8.21 0.32 -27.66
C GLU D 46 7.86 -1.07 -28.17
N LEU D 47 8.45 -2.09 -27.55
CA LEU D 47 8.21 -3.47 -27.94
C LEU D 47 6.78 -3.93 -27.69
N VAL D 48 6.20 -3.49 -26.56
CA VAL D 48 4.83 -3.88 -26.24
C VAL D 48 3.85 -3.30 -27.25
N GLU D 49 4.08 -2.04 -27.65
CA GLU D 49 3.22 -1.39 -28.63
C GLU D 49 3.21 -2.20 -29.92
N ALA D 50 4.40 -2.67 -30.33
CA ALA D 50 4.54 -3.42 -31.56
C ALA D 50 3.99 -4.84 -31.49
N LEU D 51 4.09 -5.46 -30.32
CA LEU D 51 3.62 -6.82 -30.14
C LEU D 51 2.18 -6.96 -29.64
N GLY D 52 1.65 -5.89 -29.04
CA GLY D 52 0.30 -5.94 -28.50
C GLY D 52 -0.74 -6.70 -29.30
N PRO D 53 -0.93 -6.36 -30.57
CA PRO D 53 -1.92 -7.03 -31.43
C PRO D 53 -1.74 -8.54 -31.59
N LYS D 54 -0.51 -9.03 -31.45
CA LYS D 54 -0.23 -10.45 -31.67
C LYS D 54 -0.06 -11.35 -30.46
N ILE D 55 -0.16 -10.81 -29.25
CA ILE D 55 0.03 -11.61 -28.05
C ILE D 55 -1.19 -11.71 -27.16
N CYS D 56 -1.23 -12.74 -26.32
CA CYS D 56 -2.31 -12.92 -25.38
C CYS D 56 -1.77 -12.57 -24.00
N LEU D 57 -0.45 -12.56 -23.88
CA LEU D 57 0.19 -12.32 -22.60
C LEU D 57 1.58 -11.71 -22.72
N LEU D 58 1.89 -10.76 -21.84
CA LEU D 58 3.20 -10.13 -21.82
C LEU D 58 3.90 -10.49 -20.52
N LYS D 59 5.08 -11.08 -20.63
CA LYS D 59 5.83 -11.42 -19.43
C LYS D 59 6.87 -10.33 -19.20
N THR D 60 6.70 -9.58 -18.12
CA THR D 60 7.61 -8.51 -17.77
C THR D 60 8.73 -9.02 -16.87
N HIS D 61 9.80 -8.22 -16.78
CA HIS D 61 10.95 -8.54 -15.94
C HIS D 61 11.32 -7.23 -15.26
N VAL D 62 10.47 -6.79 -14.33
CA VAL D 62 10.70 -5.50 -13.67
C VAL D 62 11.99 -5.35 -12.87
N ASP D 63 12.52 -6.46 -12.36
CA ASP D 63 13.74 -6.38 -11.55
C ASP D 63 14.99 -5.95 -12.30
N ILE D 64 14.99 -6.06 -13.63
CA ILE D 64 16.18 -5.63 -14.38
C ILE D 64 15.99 -4.25 -15.00
N LEU D 65 14.81 -3.66 -14.82
CA LEU D 65 14.58 -2.32 -15.35
C LEU D 65 15.39 -1.36 -14.49
N THR D 66 15.98 -0.36 -15.12
CA THR D 66 16.77 0.63 -14.40
C THR D 66 15.93 1.83 -14.03
N ASP D 67 14.79 1.98 -14.70
CA ASP D 67 13.91 3.13 -14.45
C ASP D 67 12.44 2.77 -14.24
N PHE D 68 12.18 1.71 -13.47
CA PHE D 68 10.80 1.33 -13.19
C PHE D 68 10.12 2.36 -12.29
N SER D 69 8.85 2.64 -12.58
CA SER D 69 8.05 3.56 -11.78
C SER D 69 6.58 3.27 -12.06
N MET D 70 5.71 3.54 -11.09
CA MET D 70 4.29 3.30 -11.28
C MET D 70 3.74 4.22 -12.36
N GLU D 71 4.13 5.49 -12.32
CA GLU D 71 3.67 6.49 -13.28
C GLU D 71 4.27 6.32 -14.68
N GLY D 72 5.57 6.03 -14.73
CA GLY D 72 6.23 5.89 -16.01
C GLY D 72 6.21 4.52 -16.66
N THR D 73 6.10 3.46 -15.85
CA THR D 73 6.11 2.11 -16.39
C THR D 73 4.74 1.43 -16.34
N VAL D 74 4.22 1.23 -15.13
CA VAL D 74 2.94 0.56 -14.98
C VAL D 74 1.76 1.25 -15.65
N LYS D 75 1.64 2.58 -15.47
CA LYS D 75 0.51 3.29 -16.08
C LYS D 75 0.41 3.06 -17.58
N PRO D 76 1.49 3.36 -18.34
CA PRO D 76 1.40 3.14 -19.78
C PRO D 76 1.28 1.66 -20.17
N LEU D 77 1.84 0.78 -19.35
CA LEU D 77 1.78 -0.65 -19.63
C LEU D 77 0.33 -1.13 -19.49
N LYS D 78 -0.35 -0.67 -18.44
CA LYS D 78 -1.74 -1.05 -18.22
C LYS D 78 -2.60 -0.51 -19.37
N ALA D 79 -2.25 0.68 -19.84
CA ALA D 79 -2.97 1.31 -20.95
C ALA D 79 -2.84 0.46 -22.22
N LEU D 80 -1.64 -0.05 -22.45
CA LEU D 80 -1.39 -0.88 -23.62
C LEU D 80 -2.12 -2.22 -23.49
N SER D 81 -2.17 -2.73 -22.26
CA SER D 81 -2.85 -3.97 -21.98
C SER D 81 -4.33 -3.82 -22.34
N ALA D 82 -4.90 -2.69 -21.99
CA ALA D 82 -6.30 -2.41 -22.28
C ALA D 82 -6.53 -2.13 -23.76
N LYS D 83 -5.64 -1.35 -24.36
CA LYS D 83 -5.76 -1.01 -25.76
C LYS D 83 -5.68 -2.21 -26.71
N TYR D 84 -4.66 -3.04 -26.50
CA TYR D 84 -4.43 -4.20 -27.36
C TYR D 84 -5.00 -5.53 -26.85
N ASN D 85 -5.56 -5.51 -25.64
CA ASN D 85 -6.18 -6.70 -25.06
C ASN D 85 -5.28 -7.92 -24.85
N PHE D 86 -4.45 -7.83 -23.82
CA PHE D 86 -3.56 -8.93 -23.42
C PHE D 86 -3.35 -8.78 -21.92
N LEU D 87 -2.93 -9.86 -21.26
CA LEU D 87 -2.72 -9.81 -19.83
C LEU D 87 -1.26 -9.62 -19.47
N LEU D 88 -1.01 -9.23 -18.22
CA LEU D 88 0.34 -9.00 -17.71
C LEU D 88 0.78 -10.12 -16.77
N PHE D 89 1.98 -10.63 -17.00
CA PHE D 89 2.56 -11.71 -16.22
C PHE D 89 3.97 -11.29 -15.80
N GLU D 90 4.18 -11.01 -14.51
CA GLU D 90 5.50 -10.59 -14.04
C GLU D 90 6.38 -11.79 -13.68
N ASN D 91 7.63 -11.70 -14.11
CA ASN D 91 8.62 -12.74 -13.91
C ASN D 91 8.93 -13.19 -12.49
N ARG D 92 9.02 -12.23 -11.56
CA ARG D 92 9.40 -12.52 -10.18
C ARG D 92 9.01 -13.92 -9.70
N LYS D 93 10.02 -14.76 -9.50
CA LYS D 93 9.77 -16.13 -9.07
C LYS D 93 9.69 -16.22 -7.55
N PHE D 94 8.49 -16.02 -7.02
CA PHE D 94 8.30 -16.04 -5.57
C PHE D 94 8.73 -17.38 -4.98
N ALA D 95 9.38 -17.32 -3.83
CA ALA D 95 9.88 -18.52 -3.18
C ALA D 95 10.01 -18.37 -1.67
N ASP D 96 8.93 -17.91 -1.04
CA ASP D 96 8.90 -17.76 0.41
C ASP D 96 7.44 -17.89 0.82
N ILE D 97 7.17 -17.77 2.11
CA ILE D 97 5.81 -17.88 2.60
C ILE D 97 5.55 -16.80 3.64
N GLY D 98 4.35 -16.83 4.22
CA GLY D 98 4.01 -15.86 5.24
C GLY D 98 4.00 -14.42 4.79
N ASN D 99 4.15 -13.51 5.74
CA ASN D 99 4.14 -12.08 5.43
C ASN D 99 5.28 -11.68 4.50
N THR D 100 6.39 -12.41 4.53
CA THR D 100 7.49 -12.08 3.64
C THR D 100 7.02 -12.17 2.20
N VAL D 101 6.45 -13.30 1.81
CA VAL D 101 6.02 -13.43 0.41
C VAL D 101 4.83 -12.54 0.08
N LYS D 102 3.94 -12.30 1.04
CA LYS D 102 2.79 -11.45 0.79
C LYS D 102 3.25 -10.04 0.45
N LEU D 103 4.23 -9.52 1.18
CA LEU D 103 4.74 -8.18 0.95
C LEU D 103 5.64 -8.07 -0.28
N GLN D 104 6.34 -9.14 -0.61
CA GLN D 104 7.20 -9.12 -1.79
C GLN D 104 6.29 -9.00 -3.02
N TYR D 105 5.07 -9.51 -2.88
CA TYR D 105 4.08 -9.51 -3.95
C TYR D 105 3.21 -8.26 -3.98
N SER D 106 2.82 -7.78 -2.80
CA SER D 106 1.92 -6.64 -2.71
C SER D 106 2.55 -5.26 -2.57
N ALA D 107 3.68 -5.19 -1.89
CA ALA D 107 4.30 -3.90 -1.64
C ALA D 107 5.63 -3.63 -2.30
N GLY D 108 6.50 -2.92 -1.60
CA GLY D 108 7.80 -2.57 -2.15
C GLY D 108 7.57 -1.51 -3.21
N VAL D 109 8.58 -1.23 -4.02
CA VAL D 109 8.43 -0.23 -5.06
C VAL D 109 7.64 -0.78 -6.23
N TYR D 110 7.70 -2.09 -6.43
CA TYR D 110 7.04 -2.73 -7.57
C TYR D 110 5.53 -2.97 -7.42
N ARG D 111 5.05 -3.19 -6.20
CA ARG D 111 3.63 -3.42 -5.95
C ARG D 111 3.03 -4.30 -7.05
N ILE D 112 3.69 -5.41 -7.32
CA ILE D 112 3.29 -6.34 -8.36
C ILE D 112 1.81 -6.75 -8.38
N ALA D 113 1.26 -7.07 -7.22
CA ALA D 113 -0.14 -7.48 -7.14
C ALA D 113 -1.13 -6.43 -7.66
N GLU D 114 -0.72 -5.17 -7.63
CA GLU D 114 -1.59 -4.10 -8.10
C GLU D 114 -1.81 -4.08 -9.61
N TRP D 115 -0.89 -4.65 -10.37
CA TRP D 115 -1.02 -4.62 -11.82
C TRP D 115 -0.82 -5.93 -12.58
N ALA D 116 -0.10 -6.88 -11.98
CA ALA D 116 0.15 -8.15 -12.66
C ALA D 116 -1.02 -9.12 -12.54
N ASP D 117 -1.67 -9.40 -13.67
CA ASP D 117 -2.81 -10.33 -13.69
C ASP D 117 -2.37 -11.71 -13.23
N ILE D 118 -1.19 -12.12 -13.67
CA ILE D 118 -0.64 -13.42 -13.37
C ILE D 118 0.78 -13.34 -12.83
N THR D 119 1.10 -14.25 -11.90
CA THR D 119 2.42 -14.33 -11.31
C THR D 119 2.79 -15.80 -11.22
N ASN D 120 4.03 -16.11 -10.82
CA ASN D 120 4.42 -17.50 -10.67
C ASN D 120 5.21 -17.72 -9.39
N ALA D 121 5.17 -18.96 -8.91
CA ALA D 121 5.84 -19.30 -7.68
C ALA D 121 6.52 -20.66 -7.74
N HIS D 122 7.60 -20.78 -6.98
CA HIS D 122 8.34 -22.04 -6.88
C HIS D 122 7.59 -22.87 -5.85
N GLY D 123 7.35 -24.14 -6.15
CA GLY D 123 6.62 -24.98 -5.21
C GLY D 123 7.42 -25.56 -4.05
N VAL D 124 8.75 -25.47 -4.13
CA VAL D 124 9.61 -26.03 -3.09
C VAL D 124 9.26 -25.64 -1.66
N VAL D 125 8.74 -24.42 -1.45
CA VAL D 125 8.40 -23.97 -0.11
C VAL D 125 7.07 -24.49 0.44
N GLY D 126 6.33 -25.24 -0.37
CA GLY D 126 5.06 -25.78 0.10
C GLY D 126 3.86 -24.92 -0.25
N PRO D 127 2.64 -25.44 0.00
CA PRO D 127 1.38 -24.76 -0.27
C PRO D 127 1.21 -23.39 0.37
N GLY D 128 2.04 -23.08 1.36
CA GLY D 128 1.95 -21.79 2.01
C GLY D 128 2.18 -20.65 1.03
N ILE D 129 2.88 -20.93 -0.06
CA ILE D 129 3.12 -19.87 -1.04
C ILE D 129 1.83 -19.59 -1.81
N VAL D 130 1.01 -20.61 -2.00
CA VAL D 130 -0.26 -20.44 -2.70
C VAL D 130 -1.26 -19.67 -1.83
N SER D 131 -1.43 -20.12 -0.59
CA SER D 131 -2.38 -19.47 0.30
C SER D 131 -1.94 -18.05 0.67
N GLY D 132 -0.64 -17.84 0.79
CA GLY D 132 -0.13 -16.52 1.12
C GLY D 132 -0.34 -15.54 -0.01
N LEU D 133 0.04 -15.93 -1.22
CA LEU D 133 -0.13 -15.04 -2.35
C LEU D 133 -1.61 -14.79 -2.64
N LYS D 134 -2.44 -15.81 -2.42
CA LYS D 134 -3.87 -15.69 -2.65
C LYS D 134 -4.47 -14.64 -1.71
N GLN D 135 -4.07 -14.71 -0.45
CA GLN D 135 -4.58 -13.75 0.53
C GLN D 135 -4.09 -12.34 0.21
N ALA D 136 -2.84 -12.21 -0.23
CA ALA D 136 -2.30 -10.91 -0.57
C ALA D 136 -3.05 -10.30 -1.75
N ALA D 137 -3.33 -11.13 -2.75
CA ALA D 137 -4.05 -10.67 -3.94
C ALA D 137 -5.43 -10.13 -3.55
N GLU D 138 -6.12 -10.85 -2.68
CA GLU D 138 -7.46 -10.47 -2.25
C GLU D 138 -7.48 -9.17 -1.46
N GLU D 139 -6.43 -8.90 -0.71
CA GLU D 139 -6.37 -7.69 0.09
C GLU D 139 -5.97 -6.48 -0.74
N VAL D 140 -5.24 -6.73 -1.82
CA VAL D 140 -4.77 -5.67 -2.70
C VAL D 140 -5.78 -5.19 -3.74
N THR D 141 -6.52 -6.12 -4.33
CA THR D 141 -7.46 -5.76 -5.39
C THR D 141 -8.60 -6.76 -5.56
N LYS D 142 -9.69 -6.31 -6.16
CA LYS D 142 -10.82 -7.19 -6.40
C LYS D 142 -10.68 -7.74 -7.82
N GLU D 143 -9.74 -7.20 -8.56
CA GLU D 143 -9.50 -7.64 -9.93
C GLU D 143 -8.98 -9.07 -9.93
N PRO D 144 -9.41 -9.88 -10.92
CA PRO D 144 -8.97 -11.27 -10.99
C PRO D 144 -7.45 -11.43 -11.01
N ARG D 145 -6.96 -12.37 -10.21
CA ARG D 145 -5.53 -12.66 -10.11
C ARG D 145 -5.32 -14.16 -10.16
N GLY D 146 -4.23 -14.58 -10.79
CA GLY D 146 -3.94 -15.99 -10.91
C GLY D 146 -2.48 -16.30 -10.70
N LEU D 147 -2.21 -17.56 -10.33
CA LEU D 147 -0.86 -18.01 -10.06
C LEU D 147 -0.46 -19.24 -10.86
N LEU D 148 0.77 -19.23 -11.36
CA LEU D 148 1.32 -20.35 -12.10
C LEU D 148 2.41 -20.96 -11.23
N MET D 149 2.48 -22.28 -11.18
CA MET D 149 3.55 -22.91 -10.41
C MET D 149 4.68 -23.26 -11.36
N LEU D 150 5.92 -23.05 -10.93
CA LEU D 150 7.09 -23.35 -11.74
C LEU D 150 7.37 -24.85 -11.58
N ALA D 151 6.63 -25.65 -12.33
CA ALA D 151 6.73 -27.11 -12.28
C ALA D 151 7.96 -27.70 -12.95
N GLU D 152 8.37 -27.13 -14.08
CA GLU D 152 9.55 -27.62 -14.80
C GLU D 152 10.41 -26.45 -15.27
N LEU D 153 11.62 -26.37 -14.75
CA LEU D 153 12.54 -25.32 -15.12
C LEU D 153 13.41 -25.77 -16.29
N SER D 154 14.02 -24.82 -16.99
CA SER D 154 14.86 -25.15 -18.14
C SER D 154 16.30 -24.68 -17.97
N CYS D 155 16.61 -24.12 -16.81
CA CYS D 155 17.97 -23.64 -16.57
C CYS D 155 18.88 -24.84 -16.28
N LYS D 156 20.15 -24.70 -16.62
CA LYS D 156 21.12 -25.76 -16.44
C LYS D 156 21.27 -26.23 -14.99
N GLY D 157 21.21 -27.53 -14.80
CA GLY D 157 21.36 -28.10 -13.47
C GLY D 157 20.15 -27.93 -12.57
N SER D 158 19.03 -27.49 -13.12
CA SER D 158 17.82 -27.30 -12.32
C SER D 158 17.42 -28.60 -11.64
N LEU D 159 16.72 -28.50 -10.52
CA LEU D 159 16.31 -29.67 -9.77
C LEU D 159 14.83 -30.05 -9.90
N ALA D 160 14.18 -29.51 -10.93
CA ALA D 160 12.75 -29.78 -11.17
C ALA D 160 12.61 -31.18 -11.79
N THR D 161 12.89 -32.20 -11.00
CA THR D 161 12.81 -33.59 -11.43
C THR D 161 11.37 -34.07 -11.49
N GLY D 162 11.19 -35.34 -11.82
CA GLY D 162 9.86 -35.90 -11.89
C GLY D 162 9.15 -35.82 -10.55
N GLU D 163 9.87 -36.15 -9.49
CA GLU D 163 9.31 -36.13 -8.14
C GLU D 163 8.95 -34.71 -7.73
N TYR D 164 9.84 -33.76 -8.02
CA TYR D 164 9.62 -32.36 -7.68
C TYR D 164 8.39 -31.84 -8.43
N THR D 165 8.30 -32.21 -9.71
CA THR D 165 7.17 -31.79 -10.52
C THR D 165 5.87 -32.40 -9.99
N LYS D 166 5.93 -33.67 -9.60
CA LYS D 166 4.75 -34.34 -9.07
C LYS D 166 4.31 -33.59 -7.83
N GLY D 167 5.27 -33.22 -6.99
CA GLY D 167 4.96 -32.50 -5.76
C GLY D 167 4.36 -31.14 -6.04
N THR D 168 4.84 -30.48 -7.10
CA THR D 168 4.33 -29.17 -7.47
C THR D 168 2.90 -29.26 -7.98
N VAL D 169 2.63 -30.29 -8.78
CA VAL D 169 1.28 -30.49 -9.32
C VAL D 169 0.32 -30.74 -8.15
N ASP D 170 0.77 -31.49 -7.16
CA ASP D 170 -0.06 -31.78 -6.00
C ASP D 170 -0.41 -30.50 -5.24
N ILE D 171 0.55 -29.58 -5.16
CA ILE D 171 0.31 -28.32 -4.48
C ILE D 171 -0.73 -27.52 -5.27
N ALA D 172 -0.62 -27.56 -6.60
CA ALA D 172 -1.55 -26.85 -7.45
C ALA D 172 -2.99 -27.32 -7.22
N LYS D 173 -3.16 -28.61 -6.97
CA LYS D 173 -4.48 -29.17 -6.75
C LYS D 173 -5.17 -28.62 -5.50
N SER D 174 -4.41 -27.98 -4.63
CA SER D 174 -4.97 -27.41 -3.41
C SER D 174 -5.85 -26.19 -3.66
N ASP D 175 -5.74 -25.60 -4.84
CA ASP D 175 -6.54 -24.43 -5.13
C ASP D 175 -6.74 -24.21 -6.62
N LYS D 176 -7.79 -24.80 -7.19
CA LYS D 176 -8.03 -24.64 -8.61
C LYS D 176 -8.61 -23.26 -8.94
N ASP D 177 -9.00 -22.51 -7.91
CA ASP D 177 -9.54 -21.18 -8.13
C ASP D 177 -8.42 -20.17 -8.38
N PHE D 178 -7.31 -20.35 -7.69
CA PHE D 178 -6.18 -19.42 -7.80
C PHE D 178 -5.00 -19.93 -8.62
N VAL D 179 -4.67 -21.22 -8.52
CA VAL D 179 -3.56 -21.76 -9.31
C VAL D 179 -4.13 -22.18 -10.66
N ILE D 180 -3.84 -21.38 -11.68
CA ILE D 180 -4.37 -21.60 -13.02
C ILE D 180 -3.56 -22.48 -13.94
N GLY D 181 -2.35 -22.83 -13.53
CA GLY D 181 -1.53 -23.67 -14.38
C GLY D 181 -0.06 -23.70 -14.00
N PHE D 182 0.77 -24.01 -14.98
CA PHE D 182 2.20 -24.15 -14.75
C PHE D 182 3.08 -23.60 -15.85
N ILE D 183 4.32 -23.35 -15.48
CA ILE D 183 5.37 -22.96 -16.41
C ILE D 183 5.95 -24.38 -16.48
N ALA D 184 5.88 -25.01 -17.65
CA ALA D 184 6.38 -26.37 -17.78
C ALA D 184 6.69 -26.67 -19.24
N GLN D 185 7.31 -27.82 -19.49
CA GLN D 185 7.72 -28.25 -20.82
C GLN D 185 6.83 -29.33 -21.42
N ARG D 186 5.87 -29.81 -20.64
CA ARG D 186 4.97 -30.86 -21.11
C ARG D 186 3.64 -30.81 -20.39
N ASP D 187 2.69 -31.58 -20.88
CA ASP D 187 1.36 -31.63 -20.27
C ASP D 187 1.51 -32.15 -18.84
N MET D 188 0.66 -31.65 -17.95
CA MET D 188 0.71 -32.06 -16.54
C MET D 188 -0.52 -32.87 -16.12
N GLY D 189 -1.30 -33.31 -17.10
CA GLY D 189 -2.50 -34.08 -16.80
C GLY D 189 -3.53 -33.29 -16.03
N GLY D 190 -4.26 -33.97 -15.15
CA GLY D 190 -5.26 -33.30 -14.34
C GLY D 190 -6.70 -33.35 -14.82
N ARG D 191 -6.91 -33.54 -16.12
CA ARG D 191 -8.24 -33.57 -16.69
C ARG D 191 -9.17 -34.61 -16.06
N ASP D 192 -8.67 -35.83 -15.87
CA ASP D 192 -9.47 -36.89 -15.26
C ASP D 192 -9.87 -36.55 -13.84
N GLU D 193 -9.18 -35.59 -13.24
CA GLU D 193 -9.45 -35.18 -11.87
C GLU D 193 -10.23 -33.87 -11.75
N GLY D 194 -10.61 -33.30 -12.88
CA GLY D 194 -11.38 -32.06 -12.85
C GLY D 194 -10.56 -30.78 -12.85
N TYR D 195 -9.30 -30.89 -13.25
CA TYR D 195 -8.42 -29.73 -13.30
C TYR D 195 -8.18 -29.37 -14.76
N ASP D 196 -8.11 -28.08 -15.05
CA ASP D 196 -7.88 -27.59 -16.39
C ASP D 196 -6.73 -26.58 -16.28
N TRP D 197 -5.52 -27.09 -16.35
CA TRP D 197 -4.34 -26.25 -16.20
C TRP D 197 -3.74 -25.66 -17.47
N LEU D 198 -3.44 -24.37 -17.38
CA LEU D 198 -2.80 -23.66 -18.47
C LEU D 198 -1.34 -24.11 -18.47
N ILE D 199 -0.83 -24.54 -19.62
CA ILE D 199 0.55 -24.95 -19.72
C ILE D 199 1.28 -23.90 -20.55
N MET D 200 2.15 -23.15 -19.91
CA MET D 200 2.91 -22.11 -20.60
C MET D 200 4.35 -22.58 -20.68
N THR D 201 4.87 -22.65 -21.89
CA THR D 201 6.21 -23.16 -22.13
C THR D 201 7.22 -22.19 -22.72
N PRO D 202 8.34 -21.96 -22.01
CA PRO D 202 9.38 -21.06 -22.48
C PRO D 202 10.42 -21.83 -23.28
N GLY D 203 11.39 -21.10 -23.86
CA GLY D 203 12.42 -21.75 -24.64
C GLY D 203 11.90 -22.27 -25.96
N VAL D 204 11.01 -21.50 -26.58
CA VAL D 204 10.43 -21.90 -27.86
C VAL D 204 11.00 -21.09 -29.01
N GLY D 205 11.33 -21.78 -30.09
CA GLY D 205 11.88 -21.11 -31.27
C GLY D 205 11.57 -21.86 -32.55
N ARG D 218 13.23 -25.79 -28.36
CA ARG D 218 12.26 -26.64 -29.03
C ARG D 218 11.41 -25.79 -29.97
N THR D 219 10.95 -26.40 -31.06
CA THR D 219 10.13 -25.70 -32.03
C THR D 219 8.70 -25.50 -31.56
N VAL D 220 8.01 -24.55 -32.17
CA VAL D 220 6.62 -24.28 -31.82
C VAL D 220 5.78 -25.54 -32.02
N ASP D 221 5.92 -26.18 -33.18
CA ASP D 221 5.15 -27.38 -33.47
C ASP D 221 5.39 -28.46 -32.43
N ASP D 222 6.64 -28.59 -32.01
CA ASP D 222 7.01 -29.59 -31.01
C ASP D 222 6.28 -29.37 -29.68
N VAL D 223 6.43 -28.19 -29.09
CA VAL D 223 5.80 -27.90 -27.80
C VAL D 223 4.26 -27.91 -27.84
N VAL D 224 3.67 -27.30 -28.86
CA VAL D 224 2.21 -27.27 -28.94
C VAL D 224 1.64 -28.67 -29.12
N SER D 225 2.37 -29.52 -29.85
CA SER D 225 1.91 -30.89 -30.08
C SER D 225 1.98 -31.73 -28.81
N THR D 226 2.93 -31.42 -27.93
CA THR D 226 3.09 -32.16 -26.70
C THR D 226 2.17 -31.70 -25.57
N GLY D 227 1.38 -30.65 -25.83
CA GLY D 227 0.46 -30.19 -24.81
C GLY D 227 0.59 -28.75 -24.31
N SER D 228 1.47 -27.96 -24.91
CA SER D 228 1.62 -26.58 -24.47
C SER D 228 0.46 -25.72 -24.96
N ASP D 229 -0.10 -24.91 -24.06
CA ASP D 229 -1.22 -24.05 -24.41
C ASP D 229 -0.74 -22.68 -24.85
N ILE D 230 0.36 -22.23 -24.26
CA ILE D 230 0.93 -20.93 -24.59
C ILE D 230 2.42 -21.06 -24.81
N ILE D 231 2.93 -20.42 -25.86
CA ILE D 231 4.35 -20.45 -26.14
C ILE D 231 4.97 -19.15 -25.65
N ILE D 232 6.00 -19.26 -24.83
CA ILE D 232 6.67 -18.08 -24.31
C ILE D 232 7.94 -17.88 -25.11
N VAL D 233 7.97 -16.80 -25.89
CA VAL D 233 9.11 -16.48 -26.74
C VAL D 233 9.76 -15.19 -26.27
N GLY D 234 11.08 -15.19 -26.17
CA GLY D 234 11.79 -14.01 -25.71
C GLY D 234 12.55 -13.25 -26.79
N ARG D 235 13.88 -13.26 -26.68
CA ARG D 235 14.75 -12.55 -27.62
C ARG D 235 14.52 -12.88 -29.09
N GLY D 236 13.96 -14.05 -29.36
CA GLY D 236 13.69 -14.44 -30.73
C GLY D 236 12.70 -13.51 -31.39
N LEU D 237 12.04 -12.68 -30.59
CA LEU D 237 11.06 -11.73 -31.09
C LEU D 237 11.61 -10.34 -31.36
N PHE D 238 12.70 -9.97 -30.69
CA PHE D 238 13.21 -8.61 -30.84
C PHE D 238 14.73 -8.38 -30.90
N ALA D 239 15.51 -9.36 -30.48
CA ALA D 239 16.96 -9.20 -30.49
C ALA D 239 17.57 -9.31 -31.89
N LYS D 240 18.87 -9.03 -31.97
CA LYS D 240 19.63 -9.11 -33.23
C LYS D 240 19.05 -8.33 -34.40
N GLY D 241 18.53 -7.14 -34.14
CA GLY D 241 17.97 -6.32 -35.19
C GLY D 241 16.65 -6.81 -35.77
N ARG D 242 16.03 -7.78 -35.11
CA ARG D 242 14.75 -8.31 -35.59
C ARG D 242 13.64 -7.27 -35.48
N ASP D 243 12.62 -7.42 -36.32
CA ASP D 243 11.47 -6.52 -36.31
C ASP D 243 10.40 -7.20 -35.47
N ALA D 244 10.17 -6.70 -34.26
CA ALA D 244 9.20 -7.28 -33.34
C ALA D 244 7.79 -7.43 -33.90
N LYS D 245 7.34 -6.49 -34.73
CA LYS D 245 6.00 -6.61 -35.29
C LYS D 245 5.95 -7.80 -36.23
N VAL D 246 7.00 -7.96 -37.03
CA VAL D 246 7.09 -9.07 -37.98
C VAL D 246 7.24 -10.41 -37.26
N GLU D 247 8.11 -10.45 -36.26
CA GLU D 247 8.33 -11.67 -35.50
C GLU D 247 7.08 -12.05 -34.70
N GLY D 248 6.37 -11.04 -34.20
CA GLY D 248 5.17 -11.31 -33.44
C GLY D 248 4.16 -12.08 -34.27
N GLU D 249 4.00 -11.66 -35.53
CA GLU D 249 3.08 -12.32 -36.45
C GLU D 249 3.58 -13.72 -36.83
N ARG D 250 4.88 -13.83 -37.07
CA ARG D 250 5.48 -15.11 -37.42
C ARG D 250 5.20 -16.16 -36.36
N TYR D 251 5.53 -15.84 -35.12
CA TYR D 251 5.30 -16.77 -34.04
C TYR D 251 3.83 -16.98 -33.73
N ARG D 252 3.02 -15.94 -33.87
CA ARG D 252 1.59 -16.08 -33.62
C ARG D 252 1.00 -17.07 -34.61
N LYS D 253 1.31 -16.86 -35.88
CA LYS D 253 0.81 -17.74 -36.93
C LYS D 253 1.25 -19.18 -36.69
N ALA D 254 2.52 -19.36 -36.36
CA ALA D 254 3.07 -20.68 -36.11
C ALA D 254 2.36 -21.38 -34.94
N GLY D 255 2.22 -20.66 -33.83
CA GLY D 255 1.57 -21.23 -32.67
C GLY D 255 0.10 -21.52 -32.87
N TRP D 256 -0.60 -20.61 -33.55
CA TRP D 256 -2.04 -20.80 -33.77
C TRP D 256 -2.27 -21.98 -34.71
N GLU D 257 -1.50 -22.06 -35.80
CA GLU D 257 -1.67 -23.16 -36.74
C GLU D 257 -1.38 -24.50 -36.08
N ALA D 258 -0.39 -24.53 -35.19
CA ALA D 258 -0.04 -25.75 -34.49
C ALA D 258 -1.21 -26.15 -33.58
N TYR D 259 -1.84 -25.16 -32.99
CA TYR D 259 -2.98 -25.37 -32.10
C TYR D 259 -4.18 -25.93 -32.88
N LEU D 260 -4.44 -25.37 -34.05
CA LEU D 260 -5.55 -25.82 -34.86
C LEU D 260 -5.35 -27.28 -35.32
N ARG D 261 -4.10 -27.68 -35.52
CA ARG D 261 -3.83 -29.05 -35.96
C ARG D 261 -3.97 -30.07 -34.84
N ARG D 262 -3.82 -29.63 -33.60
CA ARG D 262 -3.92 -30.53 -32.45
C ARG D 262 -5.35 -31.05 -32.34
N CYS D 263 -5.50 -32.33 -32.02
CA CYS D 263 -6.81 -32.95 -31.90
C CYS D 263 -7.52 -32.55 -30.60
N GLY D 264 -8.69 -31.94 -30.75
CA GLY D 264 -9.45 -31.52 -29.59
C GLY D 264 -10.35 -32.60 -29.00
N GLN D 265 -10.81 -32.36 -27.77
CA GLN D 265 -11.69 -33.31 -27.11
C GLN D 265 -13.08 -33.26 -27.73
N GLN D 266 -13.50 -34.38 -28.31
CA GLN D 266 -14.81 -34.46 -28.95
C GLN D 266 -15.84 -35.15 -28.05
N1 UP6 E . 10.01 -20.09 13.35
C2 UP6 E . 10.66 -19.82 14.56
N3 UP6 E . 9.87 -19.18 15.50
C4 UP6 E . 8.59 -18.66 15.27
C5 UP6 E . 8.02 -18.91 13.97
N6 UP6 E . 8.71 -19.60 13.07
O2 UP6 E . 11.80 -20.11 14.77
O4 UP6 E . 8.06 -18.05 16.17
C1' UP6 E . 10.63 -20.89 12.32
C2' UP6 E . 9.78 -21.72 11.37
C3' UP6 E . 10.72 -21.89 10.20
C4' UP6 E . 11.46 -20.55 10.17
O2' UP6 E . 9.43 -23.00 11.96
O3' UP6 E . 11.66 -22.94 10.44
O4' UP6 E . 11.42 -20.05 11.51
C5' UP6 E . 10.89 -19.47 9.27
O5' UP6 E . 11.90 -18.48 9.18
P UP6 E . 12.10 -17.59 7.85
O1P UP6 E . 12.41 -18.49 6.68
O2P UP6 E . 13.22 -16.66 8.22
O3P UP6 E . 10.76 -16.75 7.65
N1 UP6 F . -36.63 3.12 -3.78
C2 UP6 F . -35.45 3.44 -4.45
N3 UP6 F . -35.16 2.60 -5.52
C4 UP6 F . -35.86 1.42 -5.84
C5 UP6 F . -36.97 1.09 -5.00
N6 UP6 F . -37.38 1.96 -4.08
O2 UP6 F . -34.76 4.34 -4.13
O4 UP6 F . -35.47 0.78 -6.79
C1' UP6 F . -37.11 3.96 -2.72
C2' UP6 F . -38.57 4.38 -2.68
C3' UP6 F . -39.11 3.44 -1.64
C4' UP6 F . -37.95 3.29 -0.66
O2' UP6 F . -38.68 5.76 -2.28
O3' UP6 F . -40.22 4.01 -0.97
O4' UP6 F . -36.78 3.36 -1.48
C5' UP6 F . -37.89 1.99 0.10
O5' UP6 F . -36.80 2.08 1.00
P UP6 F . -36.82 1.22 2.37
O1P UP6 F . -37.74 1.89 3.37
O2P UP6 F . -35.38 1.20 2.77
O3P UP6 F . -37.26 -0.26 1.97
N1 UP6 G . 19.06 25.82 -3.70
C2 UP6 G . 18.49 26.19 -4.93
N3 UP6 G . 19.38 26.79 -5.81
C4 UP6 G . 20.75 27.04 -5.54
C5 UP6 G . 21.21 26.73 -4.22
N6 UP6 G . 20.35 26.25 -3.32
O2 UP6 G . 17.34 26.01 -5.19
O4 UP6 G . 21.42 27.52 -6.44
C1' UP6 G . 18.36 24.96 -2.76
C2' UP6 G . 19.09 23.79 -2.10
C3' UP6 G . 18.35 23.64 -0.77
C4' UP6 G . 17.74 25.01 -0.51
O2' UP6 G . 19.00 22.61 -2.91
O3' UP6 G . 17.31 22.67 -0.87
O4' UP6 G . 17.84 25.76 -1.72
C5' UP6 G . 18.36 25.86 0.59
O5' UP6 G . 17.53 27.00 0.71
P UP6 G . 17.21 27.68 2.15
O1P UP6 G . 16.96 26.62 3.20
O2P UP6 G . 16.02 28.53 1.84
O3P UP6 G . 18.44 28.63 2.47
N1 UP6 H . 15.18 -17.60 -23.42
C2 UP6 H . 14.51 -17.06 -24.52
N3 UP6 H . 15.32 -16.29 -25.36
C4 UP6 H . 16.70 -16.09 -25.19
C5 UP6 H . 17.26 -16.54 -23.94
N6 UP6 H . 16.51 -17.24 -23.09
O2 UP6 H . 13.35 -17.22 -24.73
O4 UP6 H . 17.32 -15.57 -26.09
C1' UP6 H . 14.54 -18.58 -22.57
C2' UP6 H . 15.37 -19.65 -21.89
C3' UP6 H . 14.46 -20.06 -20.76
C4' UP6 H . 13.71 -18.75 -20.39
O2' UP6 H . 15.63 -20.74 -22.79
O3' UP6 H . 13.50 -21.04 -21.19
O4' UP6 H . 13.82 -17.90 -21.54
C5' UP6 H . 14.25 -17.96 -19.19
O5' UP6 H . 13.36 -16.86 -19.02
P UP6 H . 13.10 -16.18 -17.57
O1P UP6 H . 12.85 -17.25 -16.53
O2P UP6 H . 11.91 -15.29 -17.84
O3P UP6 H . 14.35 -15.27 -17.25
#